data_7MQV
#
_entry.id   7MQV
#
_cell.length_a   73.774
_cell.length_b   118.882
_cell.length_c   75.558
_cell.angle_alpha   90.000
_cell.angle_beta   92.390
_cell.angle_gamma   90.000
#
_symmetry.space_group_name_H-M   'P 1 21 1'
#
loop_
_entity.id
_entity.type
_entity.pdbx_description
1 polymer 'Prephenate dehydrogenase'
2 non-polymer NICOTINAMIDE-ADENINE-DINUCLEOTIDE
3 non-polymer GLYCEROL
4 non-polymer 'CHLORIDE ION'
5 water water
#
_entity_poly.entity_id   1
_entity_poly.type   'polypeptide(L)'
_entity_poly.pdbx_seq_one_letter_code
;SNAMKIKKESLEMRQMRKKVVLIGTGLIGGSLALAIKKDHDVTITGYDIFQEQVERAKELHVVDEIAVDLQHACEEAHLI
VFASPVEETKKLLHKLASFHLREDVIVTDVGSTKGSIMNEAEALFSKEISFIGGHPMAGSHKTGVESAKAHLFENAFYIL
TPMHHVPNEHVEELKDWLKGTGSHFLVLNTEEHDYVTGIVSHFPHLIAAGLVKQVEKHAGDNPLIHQLAAGGFKDITRIA
SSSPKMWSDIVKQNREHLMVLLKEWISEMEDLYDTVSSGDAGEIQNYFADAKEYRDSLPVRKRGAIPAY
;
_entity_poly.pdbx_strand_id   A,B,C,D
#
# COMPACT_ATOMS: atom_id res chain seq x y z
N LYS A 7 0.55 -52.58 30.61
CA LYS A 7 0.31 -51.50 31.60
C LYS A 7 1.64 -50.81 31.90
N LYS A 8 1.66 -49.46 31.93
CA LYS A 8 2.89 -48.61 31.95
C LYS A 8 3.60 -48.68 33.31
N GLU A 9 2.91 -49.10 34.39
CA GLU A 9 3.46 -49.20 35.79
C GLU A 9 4.37 -50.43 35.94
N SER A 10 4.31 -51.41 35.02
CA SER A 10 5.18 -52.62 34.97
C SER A 10 6.51 -52.37 34.21
N LEU A 11 6.63 -51.20 33.57
CA LEU A 11 7.73 -50.77 32.64
C LEU A 11 8.38 -49.48 33.16
N GLU A 12 9.69 -49.48 33.43
CA GLU A 12 10.48 -48.30 33.89
C GLU A 12 10.67 -47.27 32.76
N MET A 13 10.63 -47.70 31.49
CA MET A 13 10.96 -46.85 30.31
C MET A 13 9.67 -46.38 29.63
N ARG A 14 9.70 -45.16 29.06
CA ARG A 14 8.63 -44.58 28.22
C ARG A 14 8.48 -45.38 26.93
N GLN A 15 7.24 -45.68 26.54
CA GLN A 15 6.94 -46.47 25.32
C GLN A 15 6.76 -45.50 24.15
N MET A 16 6.14 -44.34 24.41
CA MET A 16 5.83 -43.30 23.41
C MET A 16 6.34 -41.95 23.92
N ARG A 17 6.91 -41.13 23.03
CA ARG A 17 7.40 -39.77 23.35
C ARG A 17 6.21 -38.91 23.84
N LYS A 18 6.51 -37.89 24.66
CA LYS A 18 5.50 -37.02 25.29
C LYS A 18 4.82 -36.18 24.22
N LYS A 19 3.62 -35.68 24.53
CA LYS A 19 2.73 -34.97 23.58
C LYS A 19 2.53 -33.53 24.01
N VAL A 20 2.64 -32.62 23.05
CA VAL A 20 2.41 -31.16 23.18
C VAL A 20 1.25 -30.78 22.27
N VAL A 21 0.33 -29.97 22.76
CA VAL A 21 -0.73 -29.36 21.92
C VAL A 21 -0.43 -27.87 21.79
N LEU A 22 -0.39 -27.39 20.54
CA LEU A 22 -0.25 -25.95 20.20
C LEU A 22 -1.59 -25.48 19.66
N ILE A 23 -2.27 -24.61 20.39
CA ILE A 23 -3.56 -23.99 19.98
C ILE A 23 -3.24 -22.57 19.47
N GLY A 24 -3.32 -22.38 18.15
CA GLY A 24 -2.87 -21.16 17.46
C GLY A 24 -1.50 -21.37 16.86
N THR A 25 -1.43 -21.78 15.59
CA THR A 25 -0.17 -22.17 14.89
C THR A 25 0.30 -21.01 14.02
N GLY A 26 0.69 -19.91 14.67
CA GLY A 26 1.11 -18.67 13.99
C GLY A 26 2.57 -18.36 14.25
N LEU A 27 2.90 -17.08 14.30
CA LEU A 27 4.30 -16.62 14.43
C LEU A 27 4.87 -17.14 15.76
N ILE A 28 4.21 -16.79 16.87
CA ILE A 28 4.77 -17.06 18.23
C ILE A 28 4.61 -18.54 18.52
N GLY A 29 3.44 -19.09 18.23
CA GLY A 29 3.16 -20.52 18.42
C GLY A 29 4.17 -21.36 17.65
N GLY A 30 4.28 -21.14 16.34
CA GLY A 30 5.21 -21.89 15.48
C GLY A 30 6.63 -21.80 16.03
N SER A 31 7.06 -20.57 16.35
CA SER A 31 8.41 -20.29 16.87
C SER A 31 8.66 -21.11 18.14
N LEU A 32 7.69 -21.15 19.06
CA LEU A 32 7.81 -21.89 20.34
C LEU A 32 7.85 -23.39 20.06
N ALA A 33 6.99 -23.88 19.17
CA ALA A 33 7.00 -25.29 18.73
C ALA A 33 8.42 -25.66 18.27
N LEU A 34 9.04 -24.82 17.43
CA LEU A 34 10.39 -25.11 16.88
C LEU A 34 11.43 -25.16 18.01
N ALA A 35 11.30 -24.28 19.01
CA ALA A 35 12.24 -24.16 20.16
C ALA A 35 12.12 -25.40 21.06
N ILE A 36 10.92 -25.93 21.19
CA ILE A 36 10.64 -27.13 22.04
C ILE A 36 11.29 -28.35 21.36
N LYS A 37 11.04 -28.52 20.05
CA LYS A 37 11.53 -29.68 19.26
C LYS A 37 13.06 -29.65 19.20
N LYS A 38 13.66 -28.45 19.22
CA LYS A 38 15.14 -28.27 19.23
C LYS A 38 15.77 -29.02 20.43
N ASP A 39 15.15 -28.99 21.62
CA ASP A 39 15.76 -29.53 22.87
C ASP A 39 14.99 -30.75 23.40
N HIS A 40 13.89 -31.15 22.76
CA HIS A 40 13.02 -32.26 23.26
C HIS A 40 12.47 -33.09 22.11
N ASP A 41 12.51 -34.41 22.26
CA ASP A 41 11.93 -35.37 21.30
C ASP A 41 10.47 -35.63 21.69
N VAL A 42 9.53 -34.97 21.00
CA VAL A 42 8.09 -34.92 21.39
C VAL A 42 7.20 -34.85 20.14
N THR A 43 5.93 -35.20 20.28
CA THR A 43 4.89 -35.06 19.22
C THR A 43 4.11 -33.77 19.49
N ILE A 44 4.23 -32.79 18.59
CA ILE A 44 3.43 -31.53 18.65
C ILE A 44 2.23 -31.64 17.70
N THR A 45 1.05 -31.62 18.27
CA THR A 45 -0.25 -31.62 17.55
C THR A 45 -0.75 -30.17 17.49
N GLY A 46 -1.10 -29.69 16.29
CA GLY A 46 -1.50 -28.29 16.08
C GLY A 46 -3.01 -28.16 15.92
N TYR A 47 -3.58 -27.06 16.42
CA TYR A 47 -5.01 -26.67 16.23
C TYR A 47 -5.04 -25.17 15.91
N ASP A 48 -5.84 -24.77 14.92
CA ASP A 48 -6.05 -23.35 14.53
C ASP A 48 -7.44 -23.23 13.89
N ILE A 49 -8.15 -22.11 14.11
CA ILE A 49 -9.45 -21.83 13.44
C ILE A 49 -9.22 -21.67 11.93
N PHE A 50 -8.01 -21.36 11.51
CA PHE A 50 -7.59 -21.19 10.09
C PHE A 50 -6.89 -22.49 9.64
N GLN A 51 -7.59 -23.34 8.89
CA GLN A 51 -7.07 -24.67 8.43
C GLN A 51 -5.78 -24.47 7.65
N GLU A 52 -5.75 -23.51 6.71
CA GLU A 52 -4.56 -23.18 5.88
C GLU A 52 -3.31 -23.02 6.78
N GLN A 53 -3.47 -22.33 7.91
CA GLN A 53 -2.34 -21.98 8.81
C GLN A 53 -1.77 -23.25 9.43
N VAL A 54 -2.62 -24.15 9.94
CA VAL A 54 -2.16 -25.38 10.64
C VAL A 54 -1.65 -26.38 9.61
N GLU A 55 -2.25 -26.42 8.42
CA GLU A 55 -1.78 -27.30 7.31
C GLU A 55 -0.37 -26.87 6.93
N ARG A 56 -0.13 -25.57 6.82
CA ARG A 56 1.18 -24.99 6.45
C ARG A 56 2.18 -25.31 7.57
N ALA A 57 1.77 -25.16 8.82
CA ALA A 57 2.58 -25.50 10.01
C ALA A 57 3.05 -26.96 9.89
N LYS A 58 2.16 -27.86 9.45
CA LYS A 58 2.48 -29.30 9.27
C LYS A 58 3.44 -29.46 8.08
N GLU A 59 3.18 -28.79 6.94
CA GLU A 59 4.07 -28.83 5.74
C GLU A 59 5.52 -28.48 6.14
N LEU A 60 5.69 -27.49 7.03
CA LEU A 60 7.00 -26.87 7.39
C LEU A 60 7.64 -27.61 8.57
N HIS A 61 7.01 -28.68 9.07
CA HIS A 61 7.53 -29.53 10.19
C HIS A 61 7.65 -28.70 11.47
N VAL A 62 6.73 -27.76 11.65
CA VAL A 62 6.55 -26.96 12.90
C VAL A 62 5.68 -27.78 13.85
N VAL A 63 4.66 -28.44 13.32
CA VAL A 63 3.83 -29.42 14.08
C VAL A 63 3.91 -30.75 13.33
N ASP A 64 3.71 -31.86 14.06
CA ASP A 64 3.81 -33.24 13.57
C ASP A 64 2.43 -33.70 13.11
N GLU A 65 1.38 -33.26 13.80
CA GLU A 65 -0.02 -33.71 13.58
C GLU A 65 -0.93 -32.47 13.57
N ILE A 66 -2.05 -32.57 12.84
CA ILE A 66 -3.19 -31.61 12.91
C ILE A 66 -4.26 -32.26 13.78
N ALA A 67 -4.78 -31.55 14.78
CA ALA A 67 -5.85 -32.04 15.66
C ALA A 67 -7.20 -31.91 14.93
N VAL A 68 -7.89 -33.03 14.71
CA VAL A 68 -9.34 -33.04 14.35
C VAL A 68 -10.11 -32.55 15.59
N ASP A 69 -9.94 -33.25 16.72
CA ASP A 69 -10.67 -33.04 17.99
C ASP A 69 -9.74 -32.33 18.99
N LEU A 70 -10.06 -31.08 19.35
CA LEU A 70 -9.32 -30.32 20.38
C LEU A 70 -9.34 -31.08 21.72
N GLN A 71 -10.46 -31.70 22.07
CA GLN A 71 -10.61 -32.41 23.36
C GLN A 71 -9.65 -33.61 23.43
N HIS A 72 -9.69 -34.51 22.44
CA HIS A 72 -8.85 -35.75 22.43
C HIS A 72 -7.38 -35.37 22.57
N ALA A 73 -6.93 -34.38 21.80
CA ALA A 73 -5.53 -33.88 21.77
C ALA A 73 -5.10 -33.39 23.15
N CYS A 74 -5.90 -32.50 23.76
CA CYS A 74 -5.63 -31.89 25.08
C CYS A 74 -5.62 -32.95 26.18
N GLU A 75 -6.49 -33.94 26.07
CA GLU A 75 -6.67 -34.97 27.14
C GLU A 75 -5.44 -35.88 27.19
N GLU A 76 -4.65 -35.97 26.11
CA GLU A 76 -3.45 -36.87 26.05
C GLU A 76 -2.15 -36.06 26.17
N ALA A 77 -2.23 -34.73 26.24
CA ALA A 77 -1.06 -33.81 26.18
C ALA A 77 -0.38 -33.71 27.55
N HIS A 78 0.96 -33.67 27.54
CA HIS A 78 1.81 -33.35 28.73
C HIS A 78 1.96 -31.84 28.86
N LEU A 79 1.95 -31.13 27.74
CA LEU A 79 2.09 -29.65 27.66
C LEU A 79 1.04 -29.12 26.69
N ILE A 80 0.25 -28.14 27.11
CA ILE A 80 -0.70 -27.41 26.23
C ILE A 80 -0.24 -25.96 26.16
N VAL A 81 -0.06 -25.43 24.94
CA VAL A 81 0.37 -24.04 24.68
C VAL A 81 -0.74 -23.32 23.92
N PHE A 82 -1.25 -22.23 24.48
CA PHE A 82 -2.12 -21.26 23.77
C PHE A 82 -1.27 -20.15 23.17
N ALA A 83 -1.21 -20.07 21.84
CA ALA A 83 -0.55 -18.99 21.08
C ALA A 83 -1.60 -18.31 20.22
N SER A 84 -2.84 -18.25 20.73
CA SER A 84 -3.95 -17.44 20.17
C SER A 84 -3.86 -16.01 20.70
N PRO A 85 -4.58 -15.05 20.09
CA PRO A 85 -4.71 -13.71 20.66
C PRO A 85 -5.33 -13.81 22.06
N VAL A 86 -5.07 -12.82 22.91
CA VAL A 86 -5.31 -12.92 24.39
C VAL A 86 -6.80 -13.05 24.71
N GLU A 87 -7.68 -12.37 23.96
CA GLU A 87 -9.15 -12.47 24.21
C GLU A 87 -9.64 -13.86 23.78
N GLU A 88 -9.01 -14.48 22.78
CA GLU A 88 -9.40 -15.83 22.28
C GLU A 88 -8.91 -16.87 23.29
N THR A 89 -7.69 -16.72 23.84
CA THR A 89 -7.16 -17.59 24.92
C THR A 89 -8.15 -17.56 26.09
N LYS A 90 -8.51 -16.35 26.56
CA LYS A 90 -9.41 -16.16 27.72
C LYS A 90 -10.68 -16.97 27.49
N LYS A 91 -11.31 -16.84 26.30
CA LYS A 91 -12.56 -17.56 25.93
C LYS A 91 -12.31 -19.07 25.95
N LEU A 92 -11.16 -19.55 25.45
CA LEU A 92 -10.92 -21.01 25.26
C LEU A 92 -10.70 -21.73 26.61
N LEU A 93 -10.27 -21.01 27.64
CA LEU A 93 -9.99 -21.63 28.97
C LEU A 93 -11.23 -22.38 29.52
N HIS A 94 -12.44 -21.85 29.33
CA HIS A 94 -13.66 -22.48 29.92
C HIS A 94 -13.91 -23.82 29.22
N LYS A 95 -13.53 -23.98 27.95
CA LYS A 95 -13.67 -25.28 27.24
C LYS A 95 -12.64 -26.27 27.81
N LEU A 96 -11.42 -25.80 28.04
CA LEU A 96 -10.32 -26.66 28.62
C LEU A 96 -10.76 -27.16 30.00
N ALA A 97 -11.48 -26.36 30.78
CA ALA A 97 -11.95 -26.73 32.14
C ALA A 97 -12.96 -27.89 32.08
N SER A 98 -13.66 -28.06 30.95
CA SER A 98 -14.68 -29.12 30.73
C SER A 98 -14.00 -30.46 30.36
N PHE A 99 -12.74 -30.45 29.93
CA PHE A 99 -11.98 -31.66 29.53
C PHE A 99 -11.40 -32.38 30.76
N HIS A 100 -11.06 -33.67 30.59
CA HIS A 100 -10.36 -34.49 31.61
C HIS A 100 -8.90 -34.64 31.19
N LEU A 101 -8.05 -33.73 31.68
CA LEU A 101 -6.62 -33.65 31.30
C LEU A 101 -5.83 -34.60 32.20
N ARG A 102 -4.59 -34.91 31.80
CA ARG A 102 -3.61 -35.64 32.63
C ARG A 102 -3.39 -34.86 33.93
N GLU A 103 -3.07 -35.56 35.01
CA GLU A 103 -2.88 -34.99 36.36
C GLU A 103 -1.57 -34.17 36.40
N ASP A 104 -0.61 -34.53 35.55
CA ASP A 104 0.76 -33.95 35.52
C ASP A 104 0.85 -32.81 34.49
N VAL A 105 -0.24 -32.48 33.78
CA VAL A 105 -0.22 -31.57 32.60
C VAL A 105 0.26 -30.19 33.06
N ILE A 106 1.00 -29.53 32.17
CA ILE A 106 1.32 -28.09 32.30
C ILE A 106 0.64 -27.37 31.14
N VAL A 107 -0.09 -26.29 31.47
CA VAL A 107 -0.80 -25.45 30.48
C VAL A 107 -0.20 -24.05 30.54
N THR A 108 0.11 -23.45 29.39
CA THR A 108 0.75 -22.12 29.33
C THR A 108 0.17 -21.36 28.14
N ASP A 109 0.34 -20.05 28.12
CA ASP A 109 -0.02 -19.20 26.97
C ASP A 109 1.19 -18.33 26.64
N VAL A 110 1.07 -17.49 25.63
CA VAL A 110 2.14 -16.53 25.26
C VAL A 110 1.53 -15.14 25.10
N GLY A 111 0.36 -14.87 25.68
CA GLY A 111 -0.32 -13.57 25.60
C GLY A 111 0.56 -12.39 25.99
N SER A 112 0.41 -11.26 25.30
CA SER A 112 1.12 -9.98 25.58
C SER A 112 0.59 -9.29 26.85
N THR A 113 -0.59 -9.70 27.33
CA THR A 113 -1.23 -9.28 28.60
C THR A 113 -1.50 -10.53 29.45
N LYS A 114 -1.52 -10.42 30.78
CA LYS A 114 -1.62 -11.61 31.65
C LYS A 114 -2.76 -11.47 32.67
N GLY A 115 -3.14 -10.26 33.07
CA GLY A 115 -4.10 -10.04 34.16
C GLY A 115 -5.43 -10.73 33.91
N SER A 116 -6.10 -10.44 32.78
CA SER A 116 -7.40 -11.02 32.41
C SER A 116 -7.30 -12.55 32.29
N ILE A 117 -6.26 -13.04 31.66
CA ILE A 117 -6.08 -14.51 31.44
C ILE A 117 -5.92 -15.20 32.79
N MET A 118 -5.03 -14.70 33.64
CA MET A 118 -4.79 -15.31 34.97
C MET A 118 -6.02 -15.20 35.88
N ASN A 119 -6.82 -14.15 35.80
CA ASN A 119 -8.09 -14.06 36.58
C ASN A 119 -9.06 -15.15 36.13
N GLU A 120 -9.13 -15.40 34.83
CA GLU A 120 -10.01 -16.43 34.25
C GLU A 120 -9.52 -17.82 34.71
N ALA A 121 -8.21 -18.08 34.61
CA ALA A 121 -7.57 -19.32 35.08
C ALA A 121 -7.85 -19.57 36.57
N GLU A 122 -7.69 -18.56 37.43
CA GLU A 122 -7.97 -18.69 38.88
C GLU A 122 -9.44 -19.05 39.11
N ALA A 123 -10.37 -18.53 38.30
CA ALA A 123 -11.82 -18.77 38.46
C ALA A 123 -12.19 -20.20 38.04
N LEU A 124 -11.45 -20.78 37.10
CA LEU A 124 -11.78 -22.10 36.49
C LEU A 124 -11.00 -23.24 37.14
N PHE A 125 -9.69 -23.12 37.35
CA PHE A 125 -8.80 -24.29 37.59
C PHE A 125 -8.12 -24.31 38.96
N SER A 126 -8.44 -23.41 39.89
CA SER A 126 -7.67 -23.32 41.17
C SER A 126 -7.44 -24.74 41.73
N LYS A 127 -6.17 -25.02 42.07
CA LYS A 127 -5.64 -26.21 42.77
C LYS A 127 -5.66 -27.46 41.89
N GLU A 128 -6.33 -27.47 40.74
CA GLU A 128 -6.50 -28.72 39.96
C GLU A 128 -5.46 -28.80 38.83
N ILE A 129 -5.31 -27.73 38.05
CA ILE A 129 -4.52 -27.67 36.79
C ILE A 129 -3.35 -26.69 36.97
N SER A 130 -2.14 -27.07 36.55
CA SER A 130 -0.95 -26.19 36.59
C SER A 130 -0.95 -25.32 35.32
N PHE A 131 -1.65 -24.17 35.41
CA PHE A 131 -1.65 -23.11 34.38
C PHE A 131 -0.61 -22.06 34.79
N ILE A 132 0.34 -21.82 33.89
CA ILE A 132 1.41 -20.80 34.01
C ILE A 132 1.28 -19.88 32.81
N GLY A 133 0.89 -18.63 33.05
CA GLY A 133 0.88 -17.58 32.01
C GLY A 133 2.28 -17.36 31.47
N GLY A 134 2.41 -17.12 30.17
CA GLY A 134 3.69 -16.80 29.50
C GLY A 134 3.62 -15.56 28.63
N HIS A 135 4.73 -14.84 28.51
CA HIS A 135 4.89 -13.71 27.56
C HIS A 135 6.34 -13.64 27.13
N PRO A 136 6.66 -14.20 25.93
CA PRO A 136 7.96 -13.98 25.31
C PRO A 136 8.06 -12.54 24.81
N MET A 137 9.03 -11.76 25.31
CA MET A 137 9.22 -10.33 25.01
C MET A 137 10.07 -10.20 23.75
N ALA A 138 9.66 -10.87 22.69
CA ALA A 138 10.31 -10.85 21.36
C ALA A 138 9.25 -11.25 20.35
N GLY A 139 9.33 -10.71 19.14
CA GLY A 139 8.38 -11.04 18.07
C GLY A 139 8.64 -10.21 16.84
N SER A 140 7.57 -9.68 16.26
CA SER A 140 7.52 -9.12 14.89
C SER A 140 6.11 -8.58 14.66
N HIS A 141 6.01 -7.55 13.83
CA HIS A 141 4.78 -7.06 13.17
C HIS A 141 4.30 -8.09 12.13
N LYS A 142 5.21 -8.96 11.65
CA LYS A 142 4.94 -10.04 10.67
C LYS A 142 4.09 -11.11 11.35
N THR A 143 3.13 -11.68 10.62
CA THR A 143 2.21 -12.74 11.13
C THR A 143 2.42 -14.03 10.35
N GLY A 144 1.85 -15.11 10.87
CA GLY A 144 1.83 -16.42 10.17
C GLY A 144 3.00 -17.28 10.56
N VAL A 145 2.78 -18.59 10.54
CA VAL A 145 3.77 -19.66 10.79
C VAL A 145 4.88 -19.54 9.74
N GLU A 146 4.59 -19.01 8.55
CA GLU A 146 5.61 -18.77 7.49
C GLU A 146 6.81 -18.02 8.09
N SER A 147 6.61 -17.08 9.01
CA SER A 147 7.68 -16.22 9.59
C SER A 147 8.24 -16.78 10.91
N ALA A 148 7.88 -17.99 11.33
CA ALA A 148 8.28 -18.57 12.65
C ALA A 148 9.73 -19.05 12.57
N LYS A 149 10.45 -18.92 13.68
CA LYS A 149 11.91 -19.22 13.80
C LYS A 149 12.18 -19.76 15.21
N ALA A 150 13.02 -20.78 15.34
CA ALA A 150 13.36 -21.41 16.63
C ALA A 150 14.08 -20.41 17.53
N HIS A 151 14.86 -19.50 16.92
CA HIS A 151 15.78 -18.56 17.62
C HIS A 151 15.10 -17.21 17.89
N LEU A 152 13.79 -17.07 17.64
CA LEU A 152 13.08 -15.78 17.71
C LEU A 152 13.24 -15.16 19.10
N PHE A 153 13.31 -16.00 20.15
CA PHE A 153 13.30 -15.54 21.57
C PHE A 153 14.71 -15.55 22.19
N GLU A 154 15.74 -15.82 21.38
CA GLU A 154 17.14 -15.92 21.87
C GLU A 154 17.49 -14.63 22.61
N ASN A 155 17.95 -14.75 23.86
CA ASN A 155 18.52 -13.64 24.68
C ASN A 155 17.43 -12.60 25.03
N ALA A 156 16.15 -12.90 24.78
CA ALA A 156 15.00 -12.05 25.15
C ALA A 156 14.46 -12.52 26.51
N PHE A 157 13.85 -11.60 27.25
CA PHE A 157 13.10 -11.93 28.49
C PHE A 157 11.85 -12.73 28.10
N TYR A 158 11.48 -13.68 28.94
CA TYR A 158 10.24 -14.50 28.83
C TYR A 158 9.58 -14.47 30.20
N ILE A 159 8.43 -13.80 30.31
CA ILE A 159 7.75 -13.61 31.62
C ILE A 159 6.81 -14.80 31.85
N LEU A 160 6.84 -15.34 33.07
CA LEU A 160 5.96 -16.42 33.54
C LEU A 160 5.14 -15.88 34.71
N THR A 161 3.83 -16.10 34.67
CA THR A 161 2.87 -15.71 35.75
C THR A 161 2.15 -16.95 36.21
N PRO A 162 2.79 -17.80 37.05
CA PRO A 162 2.13 -19.01 37.56
C PRO A 162 0.88 -18.69 38.37
N MET A 163 -0.12 -19.58 38.33
CA MET A 163 -1.28 -19.50 39.24
C MET A 163 -0.80 -19.64 40.70
N HIS A 164 -1.56 -19.13 41.65
CA HIS A 164 -1.19 -19.06 43.09
C HIS A 164 -0.79 -20.46 43.60
N HIS A 165 -1.49 -21.51 43.19
CA HIS A 165 -1.29 -22.88 43.75
C HIS A 165 -0.10 -23.59 43.09
N VAL A 166 0.44 -23.08 41.99
CA VAL A 166 1.41 -23.86 41.18
C VAL A 166 2.74 -23.96 41.93
N PRO A 167 3.21 -25.18 42.24
CA PRO A 167 4.48 -25.35 42.94
C PRO A 167 5.68 -25.06 42.05
N ASN A 168 6.82 -24.75 42.67
CA ASN A 168 8.06 -24.27 42.02
C ASN A 168 8.53 -25.31 40.99
N GLU A 169 8.42 -26.60 41.30
CA GLU A 169 8.94 -27.66 40.40
C GLU A 169 8.21 -27.60 39.05
N HIS A 170 6.96 -27.13 38.99
CA HIS A 170 6.19 -27.07 37.70
C HIS A 170 6.66 -25.88 36.87
N VAL A 171 7.01 -24.78 37.53
CA VAL A 171 7.64 -23.59 36.88
C VAL A 171 9.00 -24.00 36.32
N GLU A 172 9.79 -24.76 37.09
CA GLU A 172 11.12 -25.25 36.65
C GLU A 172 10.94 -26.23 35.50
N GLU A 173 9.89 -27.06 35.53
CA GLU A 173 9.56 -27.97 34.41
C GLU A 173 9.28 -27.14 33.15
N LEU A 174 8.47 -26.08 33.28
CA LEU A 174 8.09 -25.28 32.09
C LEU A 174 9.35 -24.61 31.53
N LYS A 175 10.22 -24.08 32.40
CA LYS A 175 11.50 -23.48 31.98
C LYS A 175 12.31 -24.52 31.18
N ASP A 176 12.23 -25.79 31.58
CA ASP A 176 12.99 -26.89 30.94
C ASP A 176 12.33 -27.23 29.60
N TRP A 177 11.00 -27.26 29.54
CA TRP A 177 10.24 -27.43 28.27
C TRP A 177 10.72 -26.40 27.23
N LEU A 178 10.99 -25.17 27.69
CA LEU A 178 11.22 -23.99 26.84
C LEU A 178 12.70 -23.57 26.85
N LYS A 179 13.62 -24.42 27.34
CA LYS A 179 15.07 -24.04 27.39
C LYS A 179 15.57 -23.78 25.96
N GLY A 180 15.03 -24.48 24.95
CA GLY A 180 15.38 -24.27 23.53
C GLY A 180 15.22 -22.83 23.06
N THR A 181 14.42 -22.02 23.75
CA THR A 181 14.15 -20.60 23.36
C THR A 181 15.41 -19.76 23.49
N GLY A 182 16.30 -20.11 24.42
CA GLY A 182 17.47 -19.31 24.79
C GLY A 182 17.07 -18.03 25.50
N SER A 183 15.87 -17.99 26.09
CA SER A 183 15.29 -16.79 26.74
C SER A 183 15.74 -16.72 28.20
N HIS A 184 15.71 -15.53 28.77
CA HIS A 184 15.90 -15.26 30.22
C HIS A 184 14.52 -15.25 30.87
N PHE A 185 14.19 -16.29 31.62
CA PHE A 185 12.85 -16.47 32.24
C PHE A 185 12.77 -15.68 33.54
N LEU A 186 11.63 -15.07 33.76
CA LEU A 186 11.40 -14.10 34.86
C LEU A 186 9.98 -14.31 35.37
N VAL A 187 9.84 -14.65 36.65
CA VAL A 187 8.51 -14.87 37.28
C VAL A 187 8.05 -13.53 37.85
N LEU A 188 6.89 -13.06 37.38
CA LEU A 188 6.28 -11.78 37.82
C LEU A 188 4.85 -12.05 38.26
N ASN A 189 4.31 -11.16 39.09
CA ASN A 189 2.85 -11.15 39.31
C ASN A 189 2.21 -10.44 38.11
N THR A 190 0.90 -10.61 38.00
CA THR A 190 0.07 -10.23 36.84
C THR A 190 0.06 -8.69 36.76
N GLU A 191 -0.01 -8.02 37.90
CA GLU A 191 -0.15 -6.55 37.96
C GLU A 191 1.18 -5.93 37.52
N GLU A 192 2.30 -6.43 38.04
CA GLU A 192 3.66 -5.99 37.64
C GLU A 192 3.80 -6.20 36.13
N HIS A 193 3.44 -7.37 35.61
CA HIS A 193 3.62 -7.69 34.18
C HIS A 193 2.88 -6.66 33.33
N ASP A 194 1.58 -6.48 33.56
CA ASP A 194 0.72 -5.63 32.70
C ASP A 194 1.14 -4.16 32.84
N TYR A 195 1.68 -3.75 33.98
CA TYR A 195 2.14 -2.36 34.22
C TYR A 195 3.38 -2.10 33.36
N VAL A 196 4.42 -2.95 33.47
CA VAL A 196 5.71 -2.71 32.76
C VAL A 196 5.48 -2.89 31.25
N THR A 197 4.75 -3.91 30.81
CA THR A 197 4.55 -4.14 29.36
C THR A 197 3.62 -3.05 28.82
N GLY A 198 2.76 -2.49 29.66
CA GLY A 198 1.89 -1.37 29.24
C GLY A 198 2.72 -0.18 28.81
N ILE A 199 3.77 0.13 29.58
CA ILE A 199 4.70 1.28 29.38
C ILE A 199 5.65 1.01 28.22
N VAL A 200 6.27 -0.16 28.18
CA VAL A 200 7.43 -0.46 27.28
C VAL A 200 6.94 -0.95 25.91
N SER A 201 5.75 -1.52 25.83
CA SER A 201 5.29 -2.22 24.61
C SER A 201 3.93 -1.69 24.16
N HIS A 202 2.94 -1.67 25.03
CA HIS A 202 1.55 -1.43 24.60
C HIS A 202 1.40 0.03 24.21
N PHE A 203 1.85 0.94 25.05
CA PHE A 203 1.66 2.38 24.86
C PHE A 203 2.42 2.85 23.61
N PRO A 204 3.69 2.45 23.39
CA PRO A 204 4.37 2.74 22.12
C PRO A 204 3.63 2.27 20.86
N HIS A 205 2.91 1.14 20.91
CA HIS A 205 2.11 0.67 19.77
C HIS A 205 1.00 1.68 19.51
N LEU A 206 0.40 2.24 20.55
CA LEU A 206 -0.69 3.24 20.39
C LEU A 206 -0.13 4.49 19.71
N ILE A 207 1.05 4.92 20.11
CA ILE A 207 1.68 6.17 19.61
C ILE A 207 2.07 5.95 18.14
N ALA A 208 2.64 4.80 17.80
CA ALA A 208 3.04 4.46 16.42
C ALA A 208 1.82 4.57 15.50
N ALA A 209 0.70 3.97 15.90
CA ALA A 209 -0.56 4.00 15.12
C ALA A 209 -1.03 5.44 14.97
N GLY A 210 -0.97 6.23 16.05
CA GLY A 210 -1.40 7.65 16.05
C GLY A 210 -0.54 8.48 15.13
N LEU A 211 0.76 8.20 15.11
CA LEU A 211 1.75 8.92 14.26
C LEU A 211 1.41 8.63 12.80
N VAL A 212 1.13 7.36 12.48
CA VAL A 212 0.70 6.94 11.12
C VAL A 212 -0.59 7.69 10.74
N LYS A 213 -1.54 7.82 11.67
CA LYS A 213 -2.86 8.41 11.38
C LYS A 213 -2.70 9.90 11.09
N GLN A 214 -1.79 10.57 11.82
CA GLN A 214 -1.61 12.03 11.69
C GLN A 214 -1.00 12.34 10.33
N VAL A 215 -0.01 11.53 9.93
CA VAL A 215 0.68 11.66 8.63
C VAL A 215 -0.31 11.36 7.49
N GLU A 216 -1.16 10.35 7.64
CA GLU A 216 -2.14 9.97 6.58
C GLU A 216 -3.09 11.15 6.34
N LYS A 217 -3.49 11.88 7.38
CA LYS A 217 -4.44 13.03 7.29
C LYS A 217 -3.88 14.04 6.29
N HIS A 218 -2.57 14.24 6.29
CA HIS A 218 -1.89 15.24 5.41
C HIS A 218 -1.58 14.61 4.04
N ALA A 219 -1.26 13.32 4.00
CA ALA A 219 -0.90 12.61 2.75
C ALA A 219 -2.08 12.68 1.77
N GLY A 220 -3.32 12.66 2.24
CA GLY A 220 -4.54 12.80 1.41
C GLY A 220 -4.42 13.97 0.46
N ASP A 221 -3.91 15.09 0.97
CA ASP A 221 -3.94 16.41 0.29
C ASP A 221 -2.62 16.64 -0.45
N ASN A 222 -1.52 16.01 -0.04
CA ASN A 222 -0.18 16.15 -0.65
C ASN A 222 0.52 14.79 -0.76
N PRO A 223 0.54 14.21 -1.99
CA PRO A 223 1.07 12.87 -2.21
C PRO A 223 2.58 12.72 -1.91
N LEU A 224 3.32 13.82 -1.92
CA LEU A 224 4.77 13.81 -1.62
C LEU A 224 5.00 13.33 -0.20
N ILE A 225 4.09 13.58 0.75
CA ILE A 225 4.22 13.09 2.15
C ILE A 225 4.35 11.57 2.16
N HIS A 226 3.48 10.89 1.40
CA HIS A 226 3.49 9.42 1.26
C HIS A 226 4.86 8.98 0.71
N GLN A 227 5.35 9.69 -0.29
CA GLN A 227 6.56 9.31 -1.06
C GLN A 227 7.81 9.54 -0.20
N LEU A 228 7.89 10.67 0.51
CA LEU A 228 9.16 11.13 1.15
C LEU A 228 9.34 10.48 2.53
N ALA A 229 8.32 9.87 3.13
CA ALA A 229 8.46 9.05 4.35
C ALA A 229 9.74 8.21 4.28
N ALA A 230 10.63 8.36 5.27
CA ALA A 230 11.99 7.77 5.29
C ALA A 230 12.27 7.10 6.65
N GLY A 231 13.55 6.82 6.91
CA GLY A 231 14.06 6.13 8.11
C GLY A 231 13.39 6.59 9.39
N GLY A 232 13.40 7.89 9.69
CA GLY A 232 12.83 8.48 10.91
C GLY A 232 11.39 8.03 11.12
N PHE A 233 10.57 8.20 10.08
CA PHE A 233 9.14 7.83 10.08
C PHE A 233 8.96 6.30 10.06
N LYS A 234 9.63 5.61 9.12
CA LYS A 234 9.44 4.15 8.85
C LYS A 234 9.83 3.31 10.09
N ASP A 235 10.94 3.63 10.77
CA ASP A 235 11.49 2.83 11.90
C ASP A 235 10.50 2.85 13.08
N ILE A 236 10.02 4.03 13.48
CA ILE A 236 9.17 4.18 14.71
C ILE A 236 7.76 3.66 14.43
N THR A 237 7.32 3.55 13.16
CA THR A 237 5.94 3.13 12.78
C THR A 237 5.89 1.69 12.27
N ARG A 238 7.01 0.96 12.21
CA ARG A 238 7.03 -0.46 11.71
C ARG A 238 5.97 -1.30 12.46
N ILE A 239 5.84 -1.09 13.77
CA ILE A 239 4.96 -1.90 14.65
C ILE A 239 3.48 -1.65 14.30
N ALA A 240 3.14 -0.56 13.61
CA ALA A 240 1.76 -0.23 13.20
C ALA A 240 1.27 -1.24 12.14
N SER A 241 2.17 -2.04 11.56
CA SER A 241 1.82 -3.12 10.60
C SER A 241 1.39 -4.40 11.32
N SER A 242 1.42 -4.42 12.65
CA SER A 242 1.06 -5.60 13.48
C SER A 242 -0.44 -5.86 13.39
N SER A 243 -0.83 -7.09 13.68
CA SER A 243 -2.24 -7.57 13.65
C SER A 243 -3.12 -6.62 14.44
N PRO A 244 -4.10 -5.96 13.79
CA PRO A 244 -5.10 -5.15 14.51
C PRO A 244 -5.94 -5.96 15.52
N LYS A 245 -6.34 -7.18 15.18
CA LYS A 245 -7.04 -8.10 16.11
C LYS A 245 -6.20 -8.26 17.39
N MET A 246 -4.93 -8.61 17.24
CA MET A 246 -4.03 -8.88 18.38
C MET A 246 -3.99 -7.63 19.27
N TRP A 247 -3.89 -6.45 18.68
CA TRP A 247 -3.65 -5.19 19.42
C TRP A 247 -4.98 -4.64 19.98
N SER A 248 -6.11 -4.82 19.29
CA SER A 248 -7.43 -4.54 19.87
C SER A 248 -7.57 -5.35 21.17
N ASP A 249 -7.19 -6.63 21.13
CA ASP A 249 -7.31 -7.54 22.30
C ASP A 249 -6.44 -6.99 23.44
N ILE A 250 -5.22 -6.54 23.12
CA ILE A 250 -4.23 -6.09 24.14
C ILE A 250 -4.75 -4.82 24.80
N VAL A 251 -5.23 -3.87 24.00
CA VAL A 251 -5.78 -2.58 24.52
C VAL A 251 -6.97 -2.89 25.43
N LYS A 252 -7.86 -3.78 25.04
CA LYS A 252 -9.03 -4.17 25.87
C LYS A 252 -8.55 -4.71 27.22
N GLN A 253 -7.51 -5.52 27.21
CA GLN A 253 -7.02 -6.23 28.43
C GLN A 253 -6.09 -5.33 29.26
N ASN A 254 -5.66 -4.17 28.75
CA ASN A 254 -4.81 -3.25 29.54
C ASN A 254 -5.37 -1.84 29.44
N ARG A 255 -6.67 -1.71 29.20
CA ARG A 255 -7.36 -0.42 28.92
C ARG A 255 -7.09 0.62 30.02
N GLU A 256 -7.16 0.22 31.30
CA GLU A 256 -7.13 1.20 32.41
C GLU A 256 -5.73 1.80 32.51
N HIS A 257 -4.67 0.98 32.43
CA HIS A 257 -3.27 1.47 32.40
C HIS A 257 -3.09 2.39 31.19
N LEU A 258 -3.57 2.01 30.00
CA LEU A 258 -3.29 2.77 28.76
C LEU A 258 -3.99 4.14 28.83
N MET A 259 -5.20 4.17 29.38
CA MET A 259 -5.93 5.45 29.60
C MET A 259 -5.10 6.37 30.52
N VAL A 260 -4.53 5.86 31.60
CA VAL A 260 -3.69 6.67 32.53
C VAL A 260 -2.44 7.14 31.78
N LEU A 261 -1.79 6.29 30.98
CA LEU A 261 -0.57 6.65 30.22
C LEU A 261 -0.89 7.69 29.14
N LEU A 262 -2.04 7.59 28.47
CA LEU A 262 -2.46 8.59 27.44
C LEU A 262 -2.66 9.97 28.06
N LYS A 263 -3.27 10.05 29.26
CA LYS A 263 -3.44 11.35 29.97
C LYS A 263 -2.07 11.91 30.34
N GLU A 264 -1.13 11.07 30.81
CA GLU A 264 0.26 11.52 31.09
C GLU A 264 0.84 12.10 29.81
N TRP A 265 0.70 11.33 28.72
CA TRP A 265 1.30 11.64 27.40
C TRP A 265 0.78 12.99 26.93
N ILE A 266 -0.53 13.21 26.97
CA ILE A 266 -1.14 14.48 26.50
C ILE A 266 -0.51 15.61 27.30
N SER A 267 -0.31 15.43 28.61
CA SER A 267 0.30 16.46 29.48
C SER A 267 1.77 16.66 29.08
N GLU A 268 2.48 15.59 28.75
CA GLU A 268 3.88 15.63 28.25
C GLU A 268 3.94 16.43 26.94
N MET A 269 3.02 16.18 26.01
CA MET A 269 2.92 16.88 24.71
C MET A 269 2.55 18.36 24.93
N GLU A 270 1.70 18.69 25.89
CA GLU A 270 1.36 20.11 26.22
C GLU A 270 2.61 20.82 26.72
N ASP A 271 3.45 20.15 27.52
CA ASP A 271 4.73 20.72 28.03
C ASP A 271 5.71 20.89 26.87
N LEU A 272 5.80 19.91 25.96
CA LEU A 272 6.73 19.99 24.79
C LEU A 272 6.29 21.16 23.90
N TYR A 273 4.98 21.34 23.67
CA TYR A 273 4.43 22.49 22.92
C TYR A 273 4.90 23.80 23.55
N ASP A 274 4.81 23.94 24.88
CA ASP A 274 5.25 25.17 25.61
C ASP A 274 6.75 25.38 25.40
N THR A 275 7.54 24.32 25.44
CA THR A 275 9.00 24.38 25.18
C THR A 275 9.26 24.85 23.74
N VAL A 276 8.59 24.27 22.76
CA VAL A 276 8.85 24.64 21.33
C VAL A 276 8.35 26.07 21.09
N SER A 277 7.19 26.42 21.63
CA SER A 277 6.61 27.79 21.59
C SER A 277 7.58 28.82 22.17
N SER A 278 8.29 28.49 23.24
CA SER A 278 9.21 29.43 23.95
C SER A 278 10.32 29.85 22.99
N GLY A 279 10.66 28.99 22.03
CA GLY A 279 11.78 29.17 21.09
C GLY A 279 13.14 29.09 21.77
N ASP A 280 13.23 28.59 23.00
CA ASP A 280 14.52 28.49 23.74
C ASP A 280 15.31 27.29 23.19
N ALA A 281 16.37 27.55 22.43
CA ALA A 281 17.26 26.54 21.79
C ALA A 281 17.83 25.60 22.85
N GLY A 282 18.23 26.11 24.02
CA GLY A 282 18.77 25.34 25.16
C GLY A 282 17.74 24.36 25.74
N GLU A 283 16.50 24.81 25.99
CA GLU A 283 15.42 23.96 26.55
C GLU A 283 15.06 22.88 25.52
N ILE A 284 14.99 23.25 24.26
CA ILE A 284 14.70 22.28 23.15
C ILE A 284 15.86 21.29 23.09
N GLN A 285 17.12 21.77 23.16
CA GLN A 285 18.30 20.86 23.16
C GLN A 285 18.27 19.93 24.38
N ASN A 286 17.91 20.42 25.57
CA ASN A 286 17.82 19.61 26.82
C ASN A 286 16.83 18.47 26.61
N TYR A 287 15.72 18.75 25.96
CA TYR A 287 14.66 17.74 25.69
C TYR A 287 15.26 16.55 24.93
N PHE A 288 16.02 16.84 23.87
CA PHE A 288 16.60 15.79 22.99
C PHE A 288 17.76 15.11 23.71
N ALA A 289 18.54 15.88 24.48
CA ALA A 289 19.74 15.42 25.20
C ALA A 289 19.32 14.43 26.29
N ASP A 290 18.22 14.73 27.00
CA ASP A 290 17.66 13.84 28.05
C ASP A 290 17.24 12.52 27.40
N ALA A 291 16.52 12.57 26.28
CA ALA A 291 16.09 11.37 25.55
C ALA A 291 17.33 10.57 25.12
N LYS A 292 18.34 11.25 24.60
CA LYS A 292 19.54 10.57 24.06
C LYS A 292 20.30 9.90 25.21
N GLU A 293 20.44 10.60 26.34
CA GLU A 293 21.21 10.03 27.49
C GLU A 293 20.48 8.79 28.00
N TYR A 294 19.14 8.77 28.10
CA TYR A 294 18.41 7.57 28.57
C TYR A 294 18.56 6.46 27.54
N ARG A 295 18.31 6.72 26.25
CA ARG A 295 18.34 5.63 25.24
C ARG A 295 19.74 5.04 25.19
N ASP A 296 20.79 5.84 25.34
CA ASP A 296 22.20 5.38 25.27
C ASP A 296 22.54 4.59 26.55
N SER A 297 21.78 4.79 27.63
CA SER A 297 21.99 4.15 28.96
C SER A 297 21.38 2.74 29.00
N LEU A 298 20.52 2.37 28.06
CA LEU A 298 19.93 1.01 27.99
C LEU A 298 21.06 0.04 27.66
N PRO A 299 21.07 -1.17 28.28
CA PRO A 299 22.10 -2.16 27.97
C PRO A 299 22.00 -2.73 26.55
N VAL A 300 23.09 -3.40 26.15
CA VAL A 300 23.40 -3.83 24.76
C VAL A 300 23.55 -5.37 24.74
N ARG B 17 41.29 18.23 -14.71
CA ARG B 17 40.04 17.71 -14.12
C ARG B 17 39.33 18.83 -13.34
N LYS B 18 38.00 18.77 -13.25
CA LYS B 18 37.16 19.82 -12.61
C LYS B 18 37.40 19.81 -11.10
N LYS B 19 37.09 20.92 -10.45
CA LYS B 19 37.41 21.18 -9.02
C LYS B 19 36.12 21.33 -8.21
N VAL B 20 36.07 20.64 -7.08
CA VAL B 20 34.94 20.66 -6.11
C VAL B 20 35.48 21.20 -4.79
N VAL B 21 34.72 22.08 -4.15
CA VAL B 21 35.02 22.50 -2.76
C VAL B 21 33.93 21.91 -1.84
N LEU B 22 34.35 21.20 -0.80
CA LEU B 22 33.47 20.66 0.26
C LEU B 22 33.74 21.47 1.53
N ILE B 23 32.76 22.26 1.94
CA ILE B 23 32.82 23.08 3.18
C ILE B 23 32.01 22.34 4.25
N GLY B 24 32.72 21.77 5.22
CA GLY B 24 32.14 20.87 6.24
C GLY B 24 32.39 19.43 5.86
N THR B 25 33.51 18.86 6.31
CA THR B 25 33.98 17.51 5.95
C THR B 25 33.57 16.52 7.04
N GLY B 26 32.27 16.29 7.21
CA GLY B 26 31.73 15.36 8.22
C GLY B 26 31.04 14.16 7.60
N LEU B 27 30.00 13.64 8.26
CA LEU B 27 29.30 12.43 7.76
C LEU B 27 28.70 12.69 6.37
N ILE B 28 27.86 13.70 6.23
CA ILE B 28 27.05 13.92 5.00
C ILE B 28 27.98 14.47 3.93
N GLY B 29 28.83 15.45 4.31
CA GLY B 29 29.81 16.01 3.38
C GLY B 29 30.71 14.93 2.82
N GLY B 30 31.37 14.19 3.71
CA GLY B 30 32.30 13.12 3.31
C GLY B 30 31.61 12.14 2.40
N SER B 31 30.41 11.69 2.78
CA SER B 31 29.58 10.74 2.00
C SER B 31 29.35 11.26 0.58
N LEU B 32 28.98 12.54 0.45
CA LEU B 32 28.74 13.16 -0.87
C LEU B 32 30.05 13.25 -1.66
N ALA B 33 31.14 13.64 -1.01
CA ALA B 33 32.47 13.68 -1.65
C ALA B 33 32.80 12.29 -2.22
N LEU B 34 32.56 11.22 -1.45
CA LEU B 34 32.88 9.85 -1.91
C LEU B 34 32.01 9.47 -3.11
N ALA B 35 30.75 9.91 -3.12
CA ALA B 35 29.77 9.58 -4.19
C ALA B 35 30.17 10.29 -5.48
N ILE B 36 30.71 11.51 -5.36
CA ILE B 36 31.18 12.30 -6.54
C ILE B 36 32.39 11.60 -7.14
N LYS B 37 33.40 11.28 -6.33
CA LYS B 37 34.67 10.64 -6.76
C LYS B 37 34.39 9.27 -7.39
N LYS B 38 33.38 8.58 -6.91
CA LYS B 38 32.94 7.25 -7.44
C LYS B 38 32.62 7.35 -8.94
N ASP B 39 31.96 8.42 -9.40
CA ASP B 39 31.40 8.54 -10.77
C ASP B 39 32.12 9.65 -11.56
N HIS B 40 33.05 10.37 -10.96
CA HIS B 40 33.72 11.55 -11.60
C HIS B 40 35.18 11.63 -11.18
N ASP B 41 36.05 11.90 -12.15
CA ASP B 41 37.50 12.16 -11.92
C ASP B 41 37.66 13.66 -11.68
N VAL B 42 37.80 14.07 -10.41
CA VAL B 42 37.77 15.50 -9.98
C VAL B 42 38.71 15.71 -8.79
N THR B 43 39.11 16.96 -8.55
CA THR B 43 39.89 17.36 -7.34
C THR B 43 38.92 17.94 -6.31
N ILE B 44 38.76 17.26 -5.18
CA ILE B 44 37.93 17.77 -4.05
C ILE B 44 38.86 18.39 -3.01
N THR B 45 38.72 19.70 -2.80
CA THR B 45 39.42 20.47 -1.76
C THR B 45 38.47 20.61 -0.57
N GLY B 46 38.95 20.27 0.63
CA GLY B 46 38.14 20.27 1.87
C GLY B 46 38.42 21.48 2.72
N TYR B 47 37.38 22.01 3.35
CA TYR B 47 37.48 23.11 4.36
C TYR B 47 36.55 22.77 5.51
N ASP B 48 37.05 22.91 6.74
CA ASP B 48 36.28 22.70 7.99
C ASP B 48 36.91 23.58 9.08
N ILE B 49 36.10 24.17 9.97
CA ILE B 49 36.63 24.93 11.14
C ILE B 49 37.35 23.96 12.09
N PHE B 50 37.05 22.67 12.01
CA PHE B 50 37.65 21.55 12.80
C PHE B 50 38.78 20.93 11.96
N GLN B 51 40.03 21.31 12.23
CA GLN B 51 41.24 20.93 11.44
C GLN B 51 41.35 19.40 11.42
N GLU B 52 41.20 18.77 12.58
CA GLU B 52 41.33 17.30 12.74
C GLU B 52 40.36 16.61 11.79
N GLN B 53 39.15 17.13 11.61
CA GLN B 53 38.10 16.49 10.77
C GLN B 53 38.56 16.49 9.31
N VAL B 54 39.07 17.61 8.80
CA VAL B 54 39.45 17.75 7.36
C VAL B 54 40.77 16.99 7.14
N GLU B 55 41.68 16.98 8.12
CA GLU B 55 42.94 16.19 8.06
C GLU B 55 42.60 14.71 7.92
N ARG B 56 41.64 14.24 8.72
CA ARG B 56 41.18 12.83 8.71
C ARG B 56 40.51 12.53 7.35
N ALA B 57 39.70 13.47 6.86
CA ALA B 57 39.04 13.39 5.54
C ALA B 57 40.12 13.17 4.47
N LYS B 58 41.24 13.86 4.58
CA LYS B 58 42.38 13.76 3.62
C LYS B 58 43.04 12.38 3.79
N GLU B 59 43.30 11.94 5.03
CA GLU B 59 43.90 10.61 5.32
C GLU B 59 43.09 9.50 4.63
N LEU B 60 41.76 9.62 4.65
CA LEU B 60 40.80 8.57 4.22
C LEU B 60 40.45 8.71 2.73
N HIS B 61 41.07 9.66 2.02
CA HIS B 61 40.90 9.88 0.56
C HIS B 61 39.45 10.27 0.27
N VAL B 62 38.82 11.00 1.19
CA VAL B 62 37.47 11.62 1.04
C VAL B 62 37.67 12.97 0.34
N VAL B 63 38.72 13.70 0.69
CA VAL B 63 39.15 14.93 -0.04
C VAL B 63 40.60 14.72 -0.48
N ASP B 64 41.01 15.42 -1.54
CA ASP B 64 42.35 15.31 -2.18
C ASP B 64 43.28 16.36 -1.57
N GLU B 65 42.73 17.54 -1.25
CA GLU B 65 43.50 18.69 -0.71
C GLU B 65 42.72 19.29 0.46
N ILE B 66 43.45 19.94 1.36
CA ILE B 66 42.91 20.82 2.46
C ILE B 66 43.07 22.26 1.99
N ALA B 67 42.03 23.08 2.08
CA ALA B 67 42.06 24.49 1.68
C ALA B 67 42.73 25.31 2.78
N VAL B 68 43.85 25.97 2.49
CA VAL B 68 44.41 27.07 3.33
C VAL B 68 43.45 28.26 3.16
N ASP B 69 43.25 28.71 1.92
CA ASP B 69 42.43 29.89 1.57
C ASP B 69 41.08 29.43 0.99
N LEU B 70 39.99 29.68 1.74
CA LEU B 70 38.62 29.37 1.26
C LEU B 70 38.31 30.15 -0.02
N GLN B 71 38.79 31.39 -0.13
CA GLN B 71 38.50 32.25 -1.32
C GLN B 71 39.14 31.64 -2.58
N HIS B 72 40.45 31.34 -2.55
CA HIS B 72 41.19 30.81 -3.74
C HIS B 72 40.48 29.55 -4.24
N ALA B 73 40.15 28.62 -3.33
CA ALA B 73 39.52 27.31 -3.60
C ALA B 73 38.16 27.51 -4.30
N CYS B 74 37.30 28.35 -3.71
CA CYS B 74 35.93 28.64 -4.20
C CYS B 74 35.98 29.32 -5.57
N GLU B 75 36.95 30.19 -5.77
CA GLU B 75 37.03 31.01 -7.01
C GLU B 75 37.41 30.12 -8.19
N GLU B 76 38.02 28.94 -7.98
CA GLU B 76 38.46 28.03 -9.06
C GLU B 76 37.52 26.82 -9.18
N ALA B 77 36.51 26.71 -8.32
CA ALA B 77 35.66 25.52 -8.18
C ALA B 77 34.55 25.52 -9.23
N HIS B 78 34.25 24.35 -9.78
CA HIS B 78 33.07 24.11 -10.66
C HIS B 78 31.84 23.80 -9.80
N LEU B 79 32.05 23.18 -8.64
CA LEU B 79 30.98 22.78 -7.70
C LEU B 79 31.42 23.13 -6.28
N ILE B 80 30.58 23.86 -5.55
CA ILE B 80 30.80 24.15 -4.11
C ILE B 80 29.66 23.47 -3.34
N VAL B 81 30.01 22.64 -2.36
CA VAL B 81 29.05 21.90 -1.50
C VAL B 81 29.23 22.37 -0.05
N PHE B 82 28.16 22.92 0.54
CA PHE B 82 28.10 23.21 1.99
C PHE B 82 27.45 22.02 2.69
N ALA B 83 28.23 21.32 3.51
CA ALA B 83 27.75 20.25 4.41
C ALA B 83 28.01 20.65 5.86
N SER B 84 27.99 21.94 6.12
CA SER B 84 28.06 22.56 7.46
C SER B 84 26.65 22.63 8.02
N PRO B 85 26.48 22.82 9.33
CA PRO B 85 25.14 23.06 9.87
C PRO B 85 24.56 24.34 9.25
N VAL B 86 23.23 24.45 9.22
CA VAL B 86 22.48 25.49 8.46
C VAL B 86 22.86 26.90 8.93
N GLU B 87 23.09 27.14 10.22
CA GLU B 87 23.47 28.48 10.75
C GLU B 87 24.85 28.88 10.20
N GLU B 88 25.75 27.90 10.06
CA GLU B 88 27.14 28.15 9.60
C GLU B 88 27.11 28.37 8.09
N THR B 89 26.31 27.59 7.36
CA THR B 89 26.09 27.79 5.90
C THR B 89 25.57 29.22 5.69
N LYS B 90 24.52 29.64 6.38
CA LYS B 90 23.91 31.00 6.29
C LYS B 90 25.02 32.05 6.41
N LYS B 91 25.88 31.94 7.43
CA LYS B 91 26.99 32.91 7.66
C LYS B 91 27.98 32.85 6.49
N LEU B 92 28.29 31.67 5.97
CA LEU B 92 29.36 31.50 4.94
C LEU B 92 28.86 31.95 3.56
N LEU B 93 27.54 31.95 3.31
CA LEU B 93 26.98 32.51 2.05
C LEU B 93 27.37 34.00 1.91
N HIS B 94 27.41 34.77 2.98
CA HIS B 94 27.80 36.21 2.94
C HIS B 94 29.24 36.34 2.44
N LYS B 95 30.11 35.43 2.87
CA LYS B 95 31.55 35.41 2.45
C LYS B 95 31.58 35.03 0.97
N LEU B 96 30.82 34.01 0.56
CA LEU B 96 30.79 33.53 -0.84
C LEU B 96 30.34 34.66 -1.78
N ALA B 97 29.45 35.56 -1.34
CA ALA B 97 28.92 36.68 -2.14
C ALA B 97 30.02 37.71 -2.43
N SER B 98 31.04 37.79 -1.56
CA SER B 98 32.17 38.73 -1.67
C SER B 98 33.23 38.20 -2.65
N PHE B 99 33.22 36.90 -2.98
CA PHE B 99 34.20 36.25 -3.88
C PHE B 99 33.81 36.44 -5.35
N HIS B 100 34.77 36.25 -6.25
CA HIS B 100 34.58 36.30 -7.73
C HIS B 100 34.64 34.86 -8.24
N LEU B 101 33.48 34.20 -8.33
CA LEU B 101 33.37 32.77 -8.68
C LEU B 101 33.34 32.62 -10.19
N ARG B 102 33.57 31.40 -10.69
CA ARG B 102 33.36 31.04 -12.11
C ARG B 102 31.90 31.30 -12.47
N GLU B 103 31.64 31.63 -13.73
CA GLU B 103 30.30 32.00 -14.24
C GLU B 103 29.40 30.75 -14.29
N ASP B 104 30.02 29.56 -14.42
CA ASP B 104 29.32 28.26 -14.62
C ASP B 104 29.18 27.52 -13.28
N VAL B 105 29.65 28.10 -12.17
CA VAL B 105 29.73 27.41 -10.84
C VAL B 105 28.31 26.99 -10.43
N ILE B 106 28.22 25.82 -9.79
CA ILE B 106 27.00 25.35 -9.10
C ILE B 106 27.36 25.27 -7.63
N VAL B 107 26.50 25.83 -6.79
CA VAL B 107 26.64 25.87 -5.30
C VAL B 107 25.43 25.14 -4.73
N THR B 108 25.65 24.25 -3.77
CA THR B 108 24.56 23.48 -3.13
C THR B 108 24.86 23.33 -1.63
N ASP B 109 23.83 22.98 -0.85
CA ASP B 109 23.98 22.67 0.59
C ASP B 109 23.26 21.33 0.85
N VAL B 110 23.25 20.87 2.10
CA VAL B 110 22.61 19.59 2.46
C VAL B 110 21.65 19.81 3.64
N GLY B 111 21.28 21.04 3.96
CA GLY B 111 20.43 21.33 5.15
C GLY B 111 19.12 20.54 5.20
N SER B 112 18.70 20.13 6.40
CA SER B 112 17.43 19.43 6.68
C SER B 112 16.22 20.39 6.59
N THR B 113 16.46 21.70 6.62
CA THR B 113 15.47 22.79 6.35
C THR B 113 16.00 23.63 5.19
N LYS B 114 15.12 24.27 4.41
CA LYS B 114 15.56 25.03 3.20
C LYS B 114 15.08 26.50 3.25
N GLY B 115 14.07 26.82 4.07
CA GLY B 115 13.53 28.18 4.21
C GLY B 115 14.57 29.27 4.43
N SER B 116 15.32 29.18 5.53
CA SER B 116 16.37 30.16 5.92
C SER B 116 17.45 30.21 4.83
N ILE B 117 17.90 29.05 4.35
CA ILE B 117 19.04 28.97 3.39
C ILE B 117 18.61 29.68 2.12
N MET B 118 17.44 29.32 1.56
CA MET B 118 17.01 29.87 0.26
C MET B 118 16.68 31.36 0.40
N ASN B 119 16.16 31.82 1.56
CA ASN B 119 15.91 33.27 1.77
C ASN B 119 17.23 34.04 1.76
N GLU B 120 18.25 33.47 2.37
CA GLU B 120 19.59 34.10 2.48
C GLU B 120 20.21 34.16 1.07
N ALA B 121 20.16 33.05 0.33
CA ALA B 121 20.63 32.97 -1.07
C ALA B 121 19.92 34.01 -1.95
N GLU B 122 18.60 34.12 -1.88
CA GLU B 122 17.84 35.11 -2.70
C GLU B 122 18.29 36.53 -2.33
N ALA B 123 18.62 36.81 -1.07
CA ALA B 123 19.03 38.16 -0.62
C ALA B 123 20.44 38.51 -1.15
N LEU B 124 21.31 37.52 -1.30
CA LEU B 124 22.75 37.73 -1.58
C LEU B 124 23.06 37.58 -3.07
N PHE B 125 22.58 36.54 -3.76
CA PHE B 125 23.15 36.12 -5.07
C PHE B 125 22.22 36.26 -6.28
N SER B 126 21.00 36.78 -6.12
CA SER B 126 19.97 36.72 -7.17
C SER B 126 20.61 36.99 -8.54
N LYS B 127 20.26 36.11 -9.51
CA LYS B 127 20.53 36.20 -10.97
C LYS B 127 22.00 35.90 -11.28
N GLU B 128 22.94 35.92 -10.31
CA GLU B 128 24.38 35.86 -10.68
C GLU B 128 24.93 34.42 -10.60
N ILE B 129 24.62 33.71 -9.51
CA ILE B 129 25.23 32.40 -9.11
C ILE B 129 24.15 31.31 -9.10
N SER B 130 24.46 30.09 -9.55
CA SER B 130 23.52 28.95 -9.53
C SER B 130 23.59 28.25 -8.17
N PHE B 131 22.82 28.73 -7.19
CA PHE B 131 22.64 28.08 -5.87
C PHE B 131 21.38 27.22 -5.92
N ILE B 132 21.56 25.93 -5.62
CA ILE B 132 20.49 24.92 -5.52
C ILE B 132 20.59 24.31 -4.13
N GLY B 133 19.57 24.55 -3.32
CA GLY B 133 19.40 23.92 -2.01
C GLY B 133 19.32 22.41 -2.16
N GLY B 134 19.93 21.68 -1.22
CA GLY B 134 19.91 20.21 -1.21
C GLY B 134 19.44 19.69 0.14
N HIS B 135 18.83 18.50 0.10
CA HIS B 135 18.51 17.74 1.33
C HIS B 135 18.53 16.26 0.99
N PRO B 136 19.67 15.56 1.27
CA PRO B 136 19.72 14.11 1.19
C PRO B 136 18.96 13.52 2.39
N MET B 137 17.83 12.85 2.15
CA MET B 137 16.89 12.39 3.19
C MET B 137 17.31 11.00 3.65
N ALA B 138 18.54 10.92 4.12
CA ALA B 138 19.13 9.71 4.70
C ALA B 138 20.33 10.13 5.54
N GLY B 139 20.66 9.36 6.56
CA GLY B 139 21.86 9.53 7.39
C GLY B 139 21.95 8.42 8.42
N SER B 140 23.16 7.90 8.64
CA SER B 140 23.50 7.12 9.85
C SER B 140 23.55 8.12 11.01
N HIS B 141 23.16 7.73 12.22
CA HIS B 141 23.45 8.63 13.38
C HIS B 141 24.93 8.51 13.75
N LYS B 142 25.60 7.39 13.38
CA LYS B 142 27.09 7.23 13.47
C LYS B 142 27.77 8.42 12.79
N THR B 143 28.74 9.09 13.44
CA THR B 143 29.12 10.51 13.12
C THR B 143 30.59 10.60 12.75
N GLY B 144 31.01 11.76 12.24
CA GLY B 144 32.37 12.03 11.75
C GLY B 144 32.49 11.65 10.28
N VAL B 145 33.51 12.17 9.60
CA VAL B 145 33.97 11.70 8.26
C VAL B 145 34.39 10.23 8.36
N GLU B 146 34.84 9.78 9.53
CA GLU B 146 35.15 8.36 9.84
C GLU B 146 34.05 7.45 9.26
N SER B 147 32.78 7.82 9.46
CA SER B 147 31.57 7.00 9.20
C SER B 147 30.94 7.34 7.84
N ALA B 148 31.61 8.12 6.98
CA ALA B 148 31.08 8.52 5.66
C ALA B 148 31.19 7.33 4.70
N LYS B 149 30.22 7.19 3.80
CA LYS B 149 30.11 6.07 2.82
C LYS B 149 29.54 6.64 1.52
N ALA B 150 30.01 6.17 0.37
CA ALA B 150 29.52 6.60 -0.96
C ALA B 150 28.03 6.22 -1.11
N HIS B 151 27.61 5.11 -0.50
CA HIS B 151 26.28 4.48 -0.69
C HIS B 151 25.32 4.90 0.42
N LEU B 152 25.67 5.87 1.24
CA LEU B 152 24.83 6.31 2.40
C LEU B 152 23.43 6.72 1.91
N PHE B 153 23.35 7.31 0.71
CA PHE B 153 22.11 7.86 0.14
C PHE B 153 21.48 6.91 -0.89
N GLU B 154 21.99 5.68 -1.04
CA GLU B 154 21.46 4.68 -2.01
C GLU B 154 19.94 4.56 -1.81
N ASN B 155 19.18 4.76 -2.89
CA ASN B 155 17.72 4.51 -2.98
C ASN B 155 16.93 5.47 -2.08
N ALA B 156 17.58 6.49 -1.50
CA ALA B 156 16.95 7.54 -0.66
C ALA B 156 16.57 8.74 -1.55
N PHE B 157 15.53 9.46 -1.16
CA PHE B 157 15.14 10.73 -1.81
C PHE B 157 16.20 11.78 -1.49
N TYR B 158 16.47 12.62 -2.49
CA TYR B 158 17.42 13.75 -2.40
C TYR B 158 16.68 14.96 -2.98
N ILE B 159 16.32 15.91 -2.12
CA ILE B 159 15.48 17.08 -2.54
C ILE B 159 16.42 18.18 -3.01
N LEU B 160 16.07 18.80 -4.15
CA LEU B 160 16.78 19.96 -4.74
C LEU B 160 15.80 21.12 -4.81
N THR B 161 16.20 22.29 -4.29
CA THR B 161 15.35 23.51 -4.21
C THR B 161 16.12 24.61 -4.92
N PRO B 162 16.02 24.69 -6.26
CA PRO B 162 16.77 25.69 -7.02
C PRO B 162 16.30 27.12 -6.71
N MET B 163 17.20 28.10 -6.78
CA MET B 163 16.81 29.54 -6.75
C MET B 163 15.96 29.86 -7.98
N HIS B 164 15.18 30.95 -7.92
CA HIS B 164 14.19 31.32 -8.96
C HIS B 164 14.83 31.37 -10.35
N HIS B 165 16.02 31.93 -10.44
CA HIS B 165 16.68 32.28 -11.71
C HIS B 165 17.43 31.06 -12.27
N VAL B 166 17.59 29.99 -11.49
CA VAL B 166 18.46 28.85 -11.94
C VAL B 166 17.76 28.09 -13.06
N PRO B 167 18.38 27.99 -14.24
CA PRO B 167 17.82 27.20 -15.34
C PRO B 167 17.90 25.69 -15.09
N ASN B 168 17.00 24.96 -15.76
CA ASN B 168 16.74 23.53 -15.48
C ASN B 168 18.02 22.71 -15.73
N GLU B 169 18.80 23.07 -16.74
CA GLU B 169 20.02 22.31 -17.10
C GLU B 169 21.00 22.32 -15.93
N HIS B 170 20.99 23.32 -15.04
CA HIS B 170 21.94 23.38 -13.88
C HIS B 170 21.49 22.38 -12.80
N VAL B 171 20.19 22.22 -12.63
CA VAL B 171 19.61 21.18 -11.73
C VAL B 171 19.97 19.80 -12.28
N GLU B 172 19.84 19.59 -13.58
CA GLU B 172 20.18 18.29 -14.24
C GLU B 172 21.69 18.07 -14.12
N GLU B 173 22.49 19.12 -14.21
CA GLU B 173 23.97 19.04 -14.01
C GLU B 173 24.25 18.57 -12.58
N LEU B 174 23.57 19.15 -11.60
CA LEU B 174 23.82 18.80 -10.18
C LEU B 174 23.44 17.34 -9.97
N LYS B 175 22.31 16.89 -10.53
CA LYS B 175 21.89 15.47 -10.48
C LYS B 175 23.02 14.58 -11.04
N ASP B 176 23.71 15.06 -12.08
CA ASP B 176 24.80 14.30 -12.76
C ASP B 176 26.05 14.31 -11.87
N TRP B 177 26.37 15.43 -11.25
CA TRP B 177 27.45 15.55 -10.25
C TRP B 177 27.28 14.49 -9.16
N LEU B 178 26.02 14.25 -8.76
CA LEU B 178 25.68 13.42 -7.58
C LEU B 178 25.07 12.06 -7.99
N LYS B 179 25.21 11.63 -9.24
CA LYS B 179 24.60 10.35 -9.70
C LYS B 179 25.21 9.18 -8.90
N GLY B 180 26.46 9.30 -8.47
CA GLY B 180 27.13 8.32 -7.60
C GLY B 180 26.38 7.99 -6.33
N THR B 181 25.48 8.86 -5.88
CA THR B 181 24.74 8.69 -4.60
C THR B 181 23.77 7.51 -4.70
N GLY B 182 23.28 7.22 -5.91
CA GLY B 182 22.20 6.24 -6.15
C GLY B 182 20.88 6.74 -5.61
N SER B 183 20.71 8.06 -5.43
CA SER B 183 19.51 8.67 -4.82
C SER B 183 18.44 8.92 -5.89
N HIS B 184 17.18 9.00 -5.46
CA HIS B 184 16.04 9.48 -6.28
C HIS B 184 15.90 11.00 -6.04
N PHE B 185 16.28 11.78 -7.05
CA PHE B 185 16.29 13.25 -6.98
C PHE B 185 14.89 13.77 -7.28
N LEU B 186 14.51 14.79 -6.54
CA LEU B 186 13.17 15.40 -6.58
C LEU B 186 13.34 16.90 -6.42
N VAL B 187 12.85 17.67 -7.39
CA VAL B 187 12.81 19.15 -7.32
C VAL B 187 11.53 19.56 -6.57
N LEU B 188 11.72 20.29 -5.46
CA LEU B 188 10.62 20.89 -4.67
C LEU B 188 10.93 22.37 -4.49
N ASN B 189 9.91 23.18 -4.28
CA ASN B 189 10.15 24.55 -3.79
C ASN B 189 10.36 24.47 -2.28
N THR B 190 10.79 25.57 -1.70
CA THR B 190 11.20 25.72 -0.29
C THR B 190 10.03 25.42 0.63
N GLU B 191 8.84 25.92 0.27
CA GLU B 191 7.63 25.82 1.11
C GLU B 191 7.19 24.35 1.15
N GLU B 192 7.10 23.70 -0.03
CA GLU B 192 6.81 22.24 -0.13
C GLU B 192 7.83 21.49 0.72
N HIS B 193 9.13 21.75 0.55
CA HIS B 193 10.19 20.98 1.24
C HIS B 193 9.97 21.03 2.75
N ASP B 194 9.90 22.23 3.34
CA ASP B 194 9.85 22.38 4.82
C ASP B 194 8.53 21.83 5.37
N TYR B 195 7.45 21.87 4.59
CA TYR B 195 6.14 21.32 5.00
C TYR B 195 6.23 19.79 5.06
N VAL B 196 6.67 19.13 3.98
CA VAL B 196 6.68 17.64 3.92
C VAL B 196 7.72 17.13 4.91
N THR B 197 8.92 17.70 4.98
CA THR B 197 9.97 17.19 5.89
C THR B 197 9.56 17.47 7.34
N GLY B 198 8.76 18.51 7.58
CA GLY B 198 8.25 18.80 8.94
C GLY B 198 7.39 17.64 9.45
N ILE B 199 6.52 17.13 8.58
CA ILE B 199 5.55 16.02 8.88
C ILE B 199 6.25 14.66 8.93
N VAL B 200 7.11 14.34 7.97
CA VAL B 200 7.61 12.95 7.76
C VAL B 200 8.94 12.76 8.47
N SER B 201 9.65 13.81 8.84
CA SER B 201 10.99 13.67 9.45
C SER B 201 11.09 14.39 10.80
N HIS B 202 10.72 15.68 10.84
CA HIS B 202 11.02 16.52 12.01
C HIS B 202 10.08 16.11 13.14
N PHE B 203 8.79 16.00 12.86
CA PHE B 203 7.76 15.73 13.88
C PHE B 203 7.96 14.34 14.50
N PRO B 204 8.21 13.27 13.72
CA PRO B 204 8.61 11.99 14.30
C PRO B 204 9.79 12.02 15.26
N HIS B 205 10.79 12.85 15.01
CA HIS B 205 11.96 12.99 15.91
C HIS B 205 11.45 13.52 17.25
N LEU B 206 10.51 14.46 17.24
CA LEU B 206 9.96 15.05 18.49
C LEU B 206 9.23 13.96 19.29
N ILE B 207 8.44 13.14 18.60
CA ILE B 207 7.60 12.09 19.25
C ILE B 207 8.53 11.01 19.83
N ALA B 208 9.55 10.60 19.10
CA ALA B 208 10.53 9.59 19.55
C ALA B 208 11.17 10.04 20.85
N ALA B 209 11.63 11.29 20.91
CA ALA B 209 12.27 11.84 22.11
C ALA B 209 11.27 11.83 23.26
N GLY B 210 10.01 12.23 23.01
CA GLY B 210 8.95 12.28 24.02
C GLY B 210 8.62 10.90 24.55
N LEU B 211 8.64 9.90 23.67
CA LEU B 211 8.35 8.48 24.01
C LEU B 211 9.45 8.00 24.94
N VAL B 212 10.71 8.31 24.63
CA VAL B 212 11.87 7.93 25.47
C VAL B 212 11.75 8.62 26.84
N LYS B 213 11.29 9.86 26.86
CA LYS B 213 11.18 10.66 28.12
C LYS B 213 10.11 10.05 29.01
N GLN B 214 9.00 9.60 28.43
CA GLN B 214 7.84 9.06 29.20
C GLN B 214 8.28 7.76 29.86
N VAL B 215 8.98 6.90 29.12
CA VAL B 215 9.50 5.61 29.64
C VAL B 215 10.52 5.86 30.75
N GLU B 216 11.41 6.84 30.59
CA GLU B 216 12.47 7.14 31.61
C GLU B 216 11.79 7.52 32.93
N LYS B 217 10.69 8.28 32.86
CA LYS B 217 9.92 8.77 34.03
C LYS B 217 9.51 7.57 34.89
N HIS B 218 9.15 6.45 34.28
CA HIS B 218 8.69 5.21 34.97
C HIS B 218 9.88 4.33 35.35
N ALA B 219 10.94 4.32 34.56
CA ALA B 219 12.15 3.51 34.79
C ALA B 219 12.77 3.86 36.14
N GLY B 220 12.72 5.14 36.55
CA GLY B 220 13.24 5.58 37.86
C GLY B 220 12.70 4.71 38.99
N ASP B 221 11.43 4.35 38.92
CA ASP B 221 10.66 3.70 40.03
C ASP B 221 10.71 2.17 39.89
N ASN B 222 10.93 1.61 38.69
CA ASN B 222 11.03 0.15 38.47
C ASN B 222 12.18 -0.20 37.53
N PRO B 223 13.32 -0.73 38.02
CA PRO B 223 14.47 -1.05 37.17
C PRO B 223 14.24 -2.17 36.13
N LEU B 224 13.18 -2.96 36.28
CA LEU B 224 12.81 -3.97 35.26
C LEU B 224 12.43 -3.27 33.93
N ILE B 225 11.83 -2.09 34.00
CA ILE B 225 11.47 -1.27 32.80
C ILE B 225 12.75 -0.98 32.02
N HIS B 226 13.81 -0.57 32.71
CA HIS B 226 15.14 -0.30 32.10
C HIS B 226 15.63 -1.56 31.35
N GLN B 227 15.47 -2.74 31.95
CA GLN B 227 15.92 -4.03 31.37
C GLN B 227 15.06 -4.40 30.15
N LEU B 228 13.74 -4.22 30.23
CA LEU B 228 12.78 -4.56 29.15
C LEU B 228 12.78 -3.50 28.04
N ALA B 229 13.12 -2.25 28.35
CA ALA B 229 13.18 -1.18 27.32
C ALA B 229 14.37 -1.43 26.39
N ALA B 230 15.33 -2.27 26.79
CA ALA B 230 16.57 -2.57 26.03
C ALA B 230 16.27 -3.45 24.80
N GLY B 231 15.06 -4.01 24.73
CA GLY B 231 14.58 -4.80 23.58
C GLY B 231 13.90 -3.92 22.54
N GLY B 232 12.61 -4.18 22.30
CA GLY B 232 11.86 -3.62 21.16
C GLY B 232 11.90 -2.12 21.17
N PHE B 233 11.65 -1.53 22.35
CA PHE B 233 11.55 -0.06 22.59
C PHE B 233 12.82 0.70 22.15
N LYS B 234 14.01 0.20 22.51
CA LYS B 234 15.33 0.75 22.08
C LYS B 234 15.45 0.78 20.54
N ASP B 235 15.04 -0.29 19.84
CA ASP B 235 15.13 -0.41 18.35
C ASP B 235 14.25 0.64 17.67
N ILE B 236 12.99 0.82 18.10
CA ILE B 236 12.01 1.74 17.43
C ILE B 236 12.36 3.21 17.72
N THR B 237 13.14 3.51 18.78
CA THR B 237 13.48 4.90 19.22
C THR B 237 14.94 5.27 18.86
N ARG B 238 15.58 4.51 17.97
CA ARG B 238 16.96 4.74 17.47
C ARG B 238 17.19 6.22 17.13
N ILE B 239 16.24 6.94 16.51
CA ILE B 239 16.47 8.35 16.06
C ILE B 239 16.68 9.31 17.25
N ALA B 240 16.24 8.92 18.46
CA ALA B 240 16.38 9.75 19.68
C ALA B 240 17.85 9.83 20.09
N SER B 241 18.72 8.99 19.56
CA SER B 241 20.19 9.00 19.82
C SER B 241 20.90 9.94 18.84
N SER B 242 20.15 10.62 17.96
CA SER B 242 20.71 11.63 17.01
C SER B 242 21.17 12.87 17.80
N SER B 243 22.08 13.65 17.22
CA SER B 243 22.69 14.86 17.81
C SER B 243 21.58 15.76 18.36
N PRO B 244 21.52 16.00 19.68
CA PRO B 244 20.57 16.97 20.23
C PRO B 244 20.75 18.41 19.71
N LYS B 245 22.00 18.84 19.57
CA LYS B 245 22.34 20.15 18.95
C LYS B 245 21.69 20.25 17.57
N MET B 246 21.92 19.24 16.73
CA MET B 246 21.44 19.27 15.33
C MET B 246 19.92 19.37 15.33
N TRP B 247 19.24 18.65 16.24
CA TRP B 247 17.76 18.57 16.22
C TRP B 247 17.15 19.78 16.91
N SER B 248 17.78 20.34 17.93
CA SER B 248 17.36 21.65 18.47
C SER B 248 17.37 22.68 17.33
N ASP B 249 18.42 22.68 16.51
CA ASP B 249 18.57 23.64 15.38
C ASP B 249 17.42 23.43 14.39
N ILE B 250 17.08 22.16 14.09
CA ILE B 250 16.05 21.84 13.07
C ILE B 250 14.68 22.30 13.59
N VAL B 251 14.37 22.00 14.84
CA VAL B 251 13.09 22.42 15.47
C VAL B 251 12.97 23.95 15.41
N LYS B 252 14.04 24.68 15.75
CA LYS B 252 14.05 26.16 15.71
C LYS B 252 13.71 26.63 14.30
N GLN B 253 14.28 25.98 13.28
CA GLN B 253 14.16 26.44 11.87
C GLN B 253 12.86 25.95 11.23
N ASN B 254 12.13 25.02 11.86
CA ASN B 254 10.80 24.60 11.33
C ASN B 254 9.73 24.71 12.42
N ARG B 255 9.97 25.58 13.38
CA ARG B 255 9.20 25.79 14.63
C ARG B 255 7.73 26.02 14.31
N GLU B 256 7.38 26.85 13.31
CA GLU B 256 5.97 27.24 13.07
C GLU B 256 5.17 26.02 12.60
N HIS B 257 5.70 25.24 11.67
CA HIS B 257 5.07 23.96 11.21
C HIS B 257 4.93 23.02 12.41
N LEU B 258 5.99 22.86 13.21
CA LEU B 258 6.00 21.84 14.28
C LEU B 258 5.00 22.22 15.37
N MET B 259 4.87 23.52 15.67
CA MET B 259 3.87 24.00 16.63
C MET B 259 2.46 23.63 16.16
N VAL B 260 2.16 23.83 14.89
CA VAL B 260 0.83 23.49 14.32
C VAL B 260 0.64 21.96 14.38
N LEU B 261 1.66 21.16 14.06
CA LEU B 261 1.57 19.67 14.13
C LEU B 261 1.39 19.19 15.57
N LEU B 262 2.06 19.79 16.56
CA LEU B 262 1.92 19.38 17.98
C LEU B 262 0.49 19.63 18.46
N LYS B 263 -0.15 20.75 18.08
CA LYS B 263 -1.55 21.02 18.47
C LYS B 263 -2.47 19.97 17.80
N GLU B 264 -2.24 19.64 16.53
CA GLU B 264 -3.00 18.57 15.85
C GLU B 264 -2.80 17.28 16.67
N TRP B 265 -1.56 16.96 16.99
CA TRP B 265 -1.17 15.71 17.68
C TRP B 265 -1.91 15.60 19.02
N ILE B 266 -1.87 16.66 19.82
CA ILE B 266 -2.59 16.66 21.14
C ILE B 266 -4.07 16.35 20.89
N SER B 267 -4.66 16.91 19.84
CA SER B 267 -6.08 16.68 19.51
C SER B 267 -6.28 15.23 19.06
N GLU B 268 -5.34 14.68 18.30
CA GLU B 268 -5.33 13.25 17.86
C GLU B 268 -5.27 12.35 19.12
N MET B 269 -4.41 12.66 20.09
CA MET B 269 -4.27 11.90 21.35
C MET B 269 -5.56 12.00 22.19
N GLU B 270 -6.21 13.16 22.22
CA GLU B 270 -7.50 13.30 22.96
C GLU B 270 -8.56 12.43 22.29
N ASP B 271 -8.58 12.32 20.96
CA ASP B 271 -9.52 11.44 20.23
C ASP B 271 -9.19 9.96 20.51
N LEU B 272 -7.91 9.59 20.53
CA LEU B 272 -7.49 8.19 20.80
C LEU B 272 -7.92 7.81 22.24
N TYR B 273 -7.72 8.71 23.20
CA TYR B 273 -8.17 8.53 24.60
C TYR B 273 -9.69 8.25 24.61
N ASP B 274 -10.50 9.01 23.87
CA ASP B 274 -11.98 8.81 23.80
C ASP B 274 -12.28 7.43 23.21
N THR B 275 -11.53 7.01 22.19
CA THR B 275 -11.69 5.66 21.59
C THR B 275 -11.37 4.58 22.63
N VAL B 276 -10.25 4.71 23.33
CA VAL B 276 -9.85 3.68 24.33
C VAL B 276 -10.85 3.69 25.49
N SER B 277 -11.26 4.86 25.97
CA SER B 277 -12.30 5.05 27.03
C SER B 277 -13.61 4.37 26.65
N SER B 278 -14.02 4.44 25.38
CA SER B 278 -15.31 3.90 24.89
C SER B 278 -15.34 2.39 25.15
N GLY B 279 -14.17 1.76 25.12
CA GLY B 279 -13.99 0.31 25.26
C GLY B 279 -14.51 -0.47 24.07
N ASP B 280 -14.84 0.20 22.96
CA ASP B 280 -15.41 -0.48 21.76
C ASP B 280 -14.27 -1.21 21.03
N ALA B 281 -14.26 -2.55 21.10
CA ALA B 281 -13.26 -3.46 20.48
C ALA B 281 -13.14 -3.18 18.97
N GLY B 282 -14.29 -2.98 18.29
CA GLY B 282 -14.37 -2.68 16.85
C GLY B 282 -13.71 -1.35 16.49
N GLU B 283 -14.01 -0.28 17.22
CA GLU B 283 -13.43 1.08 16.99
C GLU B 283 -11.93 1.03 17.24
N ILE B 284 -11.50 0.35 18.29
CA ILE B 284 -10.07 0.19 18.61
C ILE B 284 -9.42 -0.63 17.48
N GLN B 285 -10.06 -1.71 17.03
CA GLN B 285 -9.50 -2.51 15.90
C GLN B 285 -9.42 -1.67 14.60
N ASN B 286 -10.44 -0.85 14.32
CA ASN B 286 -10.46 0.06 13.13
C ASN B 286 -9.26 1.00 13.18
N TYR B 287 -8.95 1.53 14.36
CA TYR B 287 -7.84 2.49 14.58
C TYR B 287 -6.54 1.83 14.10
N PHE B 288 -6.29 0.58 14.51
CA PHE B 288 -5.04 -0.13 14.19
C PHE B 288 -5.03 -0.56 12.73
N ALA B 289 -6.19 -0.96 12.19
CA ALA B 289 -6.36 -1.42 10.80
C ALA B 289 -6.05 -0.26 9.84
N ASP B 290 -6.56 0.94 10.15
CA ASP B 290 -6.33 2.16 9.35
C ASP B 290 -4.83 2.48 9.34
N ALA B 291 -4.19 2.47 10.50
CA ALA B 291 -2.73 2.70 10.62
C ALA B 291 -1.98 1.63 9.81
N LYS B 292 -2.39 0.37 9.90
CA LYS B 292 -1.71 -0.75 9.21
C LYS B 292 -1.85 -0.57 7.69
N GLU B 293 -3.03 -0.20 7.21
CA GLU B 293 -3.25 0.04 5.76
C GLU B 293 -2.29 1.14 5.26
N TYR B 294 -2.15 2.26 5.96
CA TYR B 294 -1.23 3.34 5.53
C TYR B 294 0.22 2.86 5.62
N ARG B 295 0.64 2.26 6.73
CA ARG B 295 2.05 1.86 6.91
C ARG B 295 2.43 0.85 5.82
N ASP B 296 1.53 -0.05 5.46
CA ASP B 296 1.79 -1.12 4.46
C ASP B 296 1.80 -0.51 3.05
N SER B 297 1.23 0.69 2.88
CA SER B 297 1.10 1.42 1.60
C SER B 297 2.40 2.14 1.24
N LEU B 298 3.31 2.33 2.19
CA LEU B 298 4.64 2.95 1.89
C LEU B 298 5.46 1.92 1.12
N PRO B 299 6.15 2.31 0.03
CA PRO B 299 7.01 1.36 -0.70
C PRO B 299 8.24 0.95 0.11
N VAL B 300 8.74 -0.26 -0.16
CA VAL B 300 9.97 -0.85 0.45
C VAL B 300 11.20 -0.18 -0.19
N ARG B 301 12.19 0.23 0.61
CA ARG B 301 13.42 0.93 0.15
C ARG B 301 14.63 -0.02 0.04
N LYS B 302 15.25 -0.08 -1.15
CA LYS B 302 16.53 -0.78 -1.44
C LYS B 302 16.33 -2.29 -1.33
N SER C 10 -56.85 -25.94 9.01
CA SER C 10 -56.37 -24.66 8.37
C SER C 10 -56.39 -23.48 9.36
N LEU C 11 -57.02 -23.64 10.55
CA LEU C 11 -57.03 -22.65 11.67
C LEU C 11 -56.40 -23.22 12.96
N GLU C 12 -55.56 -24.27 12.89
CA GLU C 12 -54.75 -24.79 14.05
C GLU C 12 -53.34 -24.19 13.96
N MET C 13 -52.62 -24.14 15.09
CA MET C 13 -51.25 -23.53 15.19
C MET C 13 -50.25 -24.35 14.36
N ARG C 14 -49.26 -23.70 13.77
CA ARG C 14 -48.33 -24.33 12.78
C ARG C 14 -47.16 -23.38 12.50
N GLN C 15 -46.00 -23.96 12.16
CA GLN C 15 -44.81 -23.19 11.74
C GLN C 15 -45.03 -22.74 10.30
N MET C 16 -44.90 -21.44 10.08
CA MET C 16 -45.32 -20.71 8.86
C MET C 16 -44.16 -19.84 8.38
N ARG C 17 -43.07 -19.85 9.14
CA ARG C 17 -41.83 -19.11 8.82
C ARG C 17 -40.83 -20.16 8.32
N LYS C 18 -40.63 -20.22 7.01
CA LYS C 18 -39.74 -21.20 6.35
C LYS C 18 -38.29 -20.89 6.74
N LYS C 19 -37.41 -21.88 6.60
CA LYS C 19 -36.02 -21.83 7.09
C LYS C 19 -35.05 -21.92 5.91
N VAL C 20 -34.06 -21.04 5.92
CA VAL C 20 -32.97 -20.96 4.92
C VAL C 20 -31.65 -21.21 5.66
N VAL C 21 -30.79 -22.03 5.10
CA VAL C 21 -29.39 -22.18 5.58
C VAL C 21 -28.46 -21.53 4.56
N LEU C 22 -27.61 -20.62 5.04
CA LEU C 22 -26.55 -19.96 4.25
C LEU C 22 -25.22 -20.51 4.72
N ILE C 23 -24.55 -21.28 3.85
CA ILE C 23 -23.21 -21.86 4.11
C ILE C 23 -22.17 -20.97 3.40
N GLY C 24 -21.41 -20.20 4.18
CA GLY C 24 -20.51 -19.13 3.69
C GLY C 24 -21.19 -17.78 3.78
N THR C 25 -20.99 -17.08 4.90
CA THR C 25 -21.68 -15.80 5.22
C THR C 25 -20.73 -14.65 4.88
N GLY C 26 -20.46 -14.47 3.58
CA GLY C 26 -19.56 -13.42 3.07
C GLY C 26 -20.31 -12.43 2.19
N LEU C 27 -19.64 -11.88 1.19
CA LEU C 27 -20.20 -10.78 0.36
C LEU C 27 -21.44 -11.31 -0.38
N ILE C 28 -21.29 -12.39 -1.15
CA ILE C 28 -22.38 -12.83 -2.07
C ILE C 28 -23.45 -13.50 -1.21
N GLY C 29 -23.02 -14.34 -0.27
CA GLY C 29 -23.94 -15.00 0.66
C GLY C 29 -24.80 -13.98 1.39
N GLY C 30 -24.14 -13.04 2.08
CA GLY C 30 -24.84 -12.00 2.85
C GLY C 30 -25.79 -11.24 1.97
N SER C 31 -25.33 -10.82 0.79
CA SER C 31 -26.13 -10.05 -0.20
C SER C 31 -27.38 -10.83 -0.58
N LEU C 32 -27.24 -12.13 -0.83
CA LEU C 32 -28.38 -13.01 -1.22
C LEU C 32 -29.33 -13.16 -0.04
N ALA C 33 -28.80 -13.36 1.16
CA ALA C 33 -29.60 -13.41 2.40
C ALA C 33 -30.45 -12.14 2.49
N LEU C 34 -29.86 -10.96 2.28
CA LEU C 34 -30.58 -9.67 2.38
C LEU C 34 -31.68 -9.58 1.31
N ALA C 35 -31.44 -10.10 0.10
CA ALA C 35 -32.39 -10.06 -1.04
C ALA C 35 -33.57 -10.98 -0.73
N ILE C 36 -33.32 -12.09 -0.04
CA ILE C 36 -34.38 -13.07 0.33
C ILE C 36 -35.28 -12.43 1.38
N LYS C 37 -34.68 -11.86 2.43
CA LYS C 37 -35.39 -11.23 3.57
C LYS C 37 -36.22 -10.04 3.08
N LYS C 38 -35.74 -9.34 2.04
CA LYS C 38 -36.44 -8.20 1.41
C LYS C 38 -37.84 -8.60 0.95
N ASP C 39 -38.02 -9.79 0.37
CA ASP C 39 -39.31 -10.20 -0.27
C ASP C 39 -39.96 -11.38 0.49
N HIS C 40 -39.32 -11.92 1.54
CA HIS C 40 -39.79 -13.14 2.24
C HIS C 40 -39.55 -13.03 3.75
N ASP C 41 -40.55 -13.43 4.55
CA ASP C 41 -40.47 -13.55 6.03
C ASP C 41 -39.99 -14.97 6.32
N VAL C 42 -38.69 -15.10 6.64
CA VAL C 42 -38.00 -16.41 6.78
C VAL C 42 -36.92 -16.31 7.87
N THR C 43 -36.52 -17.47 8.40
CA THR C 43 -35.41 -17.61 9.36
C THR C 43 -34.18 -18.05 8.57
N ILE C 44 -33.17 -17.19 8.49
CA ILE C 44 -31.87 -17.54 7.87
C ILE C 44 -30.88 -17.90 8.97
N THR C 45 -30.43 -19.15 8.97
CA THR C 45 -29.37 -19.68 9.86
C THR C 45 -28.07 -19.65 9.07
N GLY C 46 -27.02 -19.08 9.65
CA GLY C 46 -25.71 -18.97 8.98
C GLY C 46 -24.73 -20.02 9.50
N TYR C 47 -23.85 -20.50 8.61
CA TYR C 47 -22.70 -21.38 8.92
C TYR C 47 -21.51 -20.85 8.11
N ASP C 48 -20.34 -20.75 8.74
CA ASP C 48 -19.06 -20.35 8.12
C ASP C 48 -17.92 -21.06 8.86
N ILE C 49 -16.81 -21.40 8.18
CA ILE C 49 -15.59 -21.95 8.85
C ILE C 49 -15.02 -20.89 9.81
N PHE C 50 -15.29 -19.60 9.58
CA PHE C 50 -14.82 -18.50 10.44
C PHE C 50 -16.00 -18.00 11.28
N GLN C 51 -15.98 -18.37 12.57
CA GLN C 51 -16.96 -17.91 13.61
C GLN C 51 -17.17 -16.39 13.52
N GLU C 52 -16.08 -15.61 13.47
CA GLU C 52 -16.15 -14.13 13.44
C GLU C 52 -17.08 -13.66 12.31
N GLN C 53 -16.99 -14.29 11.15
CA GLN C 53 -17.72 -13.85 9.94
C GLN C 53 -19.23 -14.06 10.17
N VAL C 54 -19.63 -15.22 10.69
CA VAL C 54 -21.07 -15.56 10.88
C VAL C 54 -21.61 -14.76 12.07
N GLU C 55 -20.81 -14.55 13.12
CA GLU C 55 -21.20 -13.71 14.29
C GLU C 55 -21.50 -12.29 13.80
N ARG C 56 -20.64 -11.76 12.92
CA ARG C 56 -20.78 -10.40 12.35
C ARG C 56 -22.05 -10.38 11.47
N ALA C 57 -22.26 -11.42 10.68
CA ALA C 57 -23.48 -11.56 9.83
C ALA C 57 -24.72 -11.47 10.71
N LYS C 58 -24.68 -12.07 11.91
CA LYS C 58 -25.81 -12.02 12.88
C LYS C 58 -25.92 -10.60 13.45
N GLU C 59 -24.82 -9.96 13.84
CA GLU C 59 -24.81 -8.56 14.35
C GLU C 59 -25.51 -7.62 13.36
N LEU C 60 -25.29 -7.83 12.05
CA LEU C 60 -25.73 -6.92 10.94
C LEU C 60 -27.13 -7.31 10.44
N HIS C 61 -27.77 -8.31 11.06
CA HIS C 61 -29.15 -8.78 10.74
C HIS C 61 -29.20 -9.30 9.30
N VAL C 62 -28.10 -9.91 8.85
CA VAL C 62 -28.00 -10.62 7.54
C VAL C 62 -28.51 -12.06 7.76
N VAL C 63 -28.15 -12.66 8.89
CA VAL C 63 -28.70 -13.97 9.33
C VAL C 63 -29.35 -13.77 10.70
N ASP C 64 -30.32 -14.61 11.04
CA ASP C 64 -31.14 -14.56 12.28
C ASP C 64 -30.49 -15.45 13.33
N GLU C 65 -29.89 -16.57 12.92
CA GLU C 65 -29.26 -17.56 13.82
C GLU C 65 -27.87 -17.93 13.29
N ILE C 66 -27.00 -18.37 14.18
CA ILE C 66 -25.72 -19.08 13.90
C ILE C 66 -25.98 -20.57 14.11
N ALA C 67 -25.59 -21.40 13.15
CA ALA C 67 -25.72 -22.87 13.24
C ALA C 67 -24.60 -23.42 14.14
N VAL C 68 -24.97 -24.05 15.25
CA VAL C 68 -24.06 -24.92 16.04
C VAL C 68 -23.76 -26.16 15.19
N ASP C 69 -24.82 -26.87 14.79
CA ASP C 69 -24.77 -28.14 14.03
C ASP C 69 -25.21 -27.86 12.59
N LEU C 70 -24.29 -28.02 11.63
CA LEU C 70 -24.60 -27.94 10.17
C LEU C 70 -25.71 -28.94 9.79
N GLN C 71 -25.68 -30.15 10.36
CA GLN C 71 -26.67 -31.21 10.03
C GLN C 71 -28.08 -30.80 10.46
N HIS C 72 -28.28 -30.42 11.72
CA HIS C 72 -29.61 -30.08 12.29
C HIS C 72 -30.23 -28.97 11.44
N ALA C 73 -29.45 -27.93 11.15
CA ALA C 73 -29.88 -26.74 10.38
C ALA C 73 -30.36 -27.14 8.97
N CYS C 74 -29.55 -27.90 8.24
CA CYS C 74 -29.81 -28.36 6.85
C CYS C 74 -31.02 -29.30 6.82
N GLU C 75 -31.19 -30.12 7.84
CA GLU C 75 -32.28 -31.13 7.87
C GLU C 75 -33.63 -30.45 8.02
N GLU C 76 -33.69 -29.21 8.55
CA GLU C 76 -34.97 -28.48 8.78
C GLU C 76 -35.17 -27.38 7.72
N ALA C 77 -34.21 -27.18 6.82
CA ALA C 77 -34.19 -26.05 5.86
C ALA C 77 -35.08 -26.33 4.65
N HIS C 78 -35.80 -25.30 4.19
CA HIS C 78 -36.57 -25.30 2.90
C HIS C 78 -35.65 -24.95 1.74
N LEU C 79 -34.64 -24.11 2.01
CA LEU C 79 -33.66 -23.61 1.02
C LEU C 79 -32.28 -23.66 1.65
N ILE C 80 -31.33 -24.30 0.98
CA ILE C 80 -29.90 -24.33 1.37
C ILE C 80 -29.11 -23.61 0.29
N VAL C 81 -28.31 -22.61 0.69
CA VAL C 81 -27.49 -21.77 -0.22
C VAL C 81 -26.02 -21.94 0.15
N PHE C 82 -25.21 -22.40 -0.80
CA PHE C 82 -23.72 -22.39 -0.71
C PHE C 82 -23.18 -21.10 -1.34
N ALA C 83 -22.59 -20.24 -0.52
CA ALA C 83 -21.88 -19.02 -0.94
C ALA C 83 -20.44 -19.11 -0.49
N SER C 84 -19.90 -20.32 -0.47
CA SER C 84 -18.46 -20.62 -0.21
C SER C 84 -17.70 -20.56 -1.53
N PRO C 85 -16.35 -20.52 -1.50
CA PRO C 85 -15.54 -20.70 -2.71
C PRO C 85 -15.90 -22.04 -3.38
N VAL C 86 -15.70 -22.15 -4.70
CA VAL C 86 -16.28 -23.26 -5.51
C VAL C 86 -15.69 -24.62 -5.11
N GLU C 87 -14.41 -24.67 -4.76
CA GLU C 87 -13.77 -25.96 -4.35
C GLU C 87 -14.29 -26.36 -2.97
N GLU C 88 -14.66 -25.41 -2.12
CA GLU C 88 -15.20 -25.70 -0.77
C GLU C 88 -16.64 -26.20 -0.91
N THR C 89 -17.43 -25.58 -1.80
CA THR C 89 -18.80 -26.04 -2.13
C THR C 89 -18.71 -27.50 -2.58
N LYS C 90 -17.87 -27.79 -3.58
CA LYS C 90 -17.69 -29.14 -4.16
C LYS C 90 -17.46 -30.15 -3.02
N LYS C 91 -16.52 -29.85 -2.13
CA LYS C 91 -16.18 -30.75 -0.98
C LYS C 91 -17.38 -30.92 -0.04
N LEU C 92 -18.16 -29.86 0.20
CA LEU C 92 -19.24 -29.89 1.22
C LEU C 92 -20.46 -30.69 0.70
N LEU C 93 -20.64 -30.83 -0.61
CA LEU C 93 -21.81 -31.54 -1.17
C LEU C 93 -21.93 -32.98 -0.62
N HIS C 94 -20.81 -33.69 -0.46
CA HIS C 94 -20.82 -35.10 0.00
C HIS C 94 -21.38 -35.16 1.42
N LYS C 95 -21.16 -34.13 2.26
CA LYS C 95 -21.67 -34.08 3.65
C LYS C 95 -23.20 -33.93 3.57
N LEU C 96 -23.68 -33.06 2.71
CA LEU C 96 -25.13 -32.81 2.54
C LEU C 96 -25.85 -34.10 2.10
N ALA C 97 -25.20 -34.93 1.29
CA ALA C 97 -25.76 -36.22 0.81
C ALA C 97 -25.97 -37.21 1.96
N SER C 98 -25.19 -37.09 3.05
CA SER C 98 -25.21 -37.99 4.23
C SER C 98 -26.34 -37.60 5.19
N PHE C 99 -26.90 -36.39 5.05
CA PHE C 99 -28.01 -35.87 5.90
C PHE C 99 -29.36 -36.38 5.39
N HIS C 100 -30.39 -36.28 6.23
CA HIS C 100 -31.81 -36.58 5.89
C HIS C 100 -32.53 -35.24 5.72
N LEU C 101 -32.57 -34.73 4.49
CA LEU C 101 -33.14 -33.40 4.17
C LEU C 101 -34.64 -33.53 3.93
N ARG C 102 -35.37 -32.42 4.01
CA ARG C 102 -36.80 -32.35 3.67
C ARG C 102 -36.96 -32.77 2.21
N GLU C 103 -38.12 -33.34 1.87
CA GLU C 103 -38.44 -33.91 0.55
C GLU C 103 -38.61 -32.77 -0.47
N ASP C 104 -38.99 -31.57 -0.01
CA ASP C 104 -39.32 -30.40 -0.86
C ASP C 104 -38.11 -29.45 -1.00
N VAL C 105 -36.97 -29.78 -0.37
CA VAL C 105 -35.82 -28.83 -0.21
C VAL C 105 -35.31 -28.42 -1.59
N ILE C 106 -34.87 -27.17 -1.69
CA ILE C 106 -34.09 -26.69 -2.85
C ILE C 106 -32.70 -26.30 -2.35
N VAL C 107 -31.68 -26.77 -3.06
CA VAL C 107 -30.26 -26.51 -2.76
C VAL C 107 -29.66 -25.75 -3.94
N THR C 108 -28.93 -24.67 -3.68
CA THR C 108 -28.35 -23.81 -4.74
C THR C 108 -26.97 -23.34 -4.27
N ASP C 109 -26.16 -22.87 -5.20
CA ASP C 109 -24.84 -22.25 -4.91
C ASP C 109 -24.78 -20.94 -5.68
N VAL C 110 -23.68 -20.22 -5.54
CA VAL C 110 -23.46 -18.96 -6.29
C VAL C 110 -22.06 -19.00 -6.93
N GLY C 111 -21.47 -20.18 -7.09
CA GLY C 111 -20.11 -20.34 -7.66
C GLY C 111 -19.94 -19.67 -9.02
N SER C 112 -18.77 -19.10 -9.26
CA SER C 112 -18.39 -18.43 -10.53
C SER C 112 -18.09 -19.47 -11.63
N THR C 113 -17.92 -20.75 -11.26
CA THR C 113 -17.81 -21.93 -12.16
C THR C 113 -18.91 -22.92 -11.80
N LYS C 114 -19.39 -23.71 -12.77
CA LYS C 114 -20.56 -24.60 -12.53
C LYS C 114 -20.26 -26.06 -12.90
N GLY C 115 -19.37 -26.33 -13.84
CA GLY C 115 -19.12 -27.68 -14.38
C GLY C 115 -18.77 -28.69 -13.31
N SER C 116 -17.71 -28.44 -12.52
CA SER C 116 -17.23 -29.35 -11.45
C SER C 116 -18.34 -29.54 -10.40
N ILE C 117 -18.99 -28.47 -10.01
CA ILE C 117 -20.02 -28.52 -8.93
C ILE C 117 -21.19 -29.37 -9.43
N MET C 118 -21.69 -29.11 -10.64
CA MET C 118 -22.84 -29.87 -11.19
C MET C 118 -22.46 -31.35 -11.43
N ASN C 119 -21.22 -31.68 -11.79
CA ASN C 119 -20.79 -33.09 -11.92
C ASN C 119 -20.85 -33.80 -10.57
N GLU C 120 -20.42 -33.11 -9.51
CA GLU C 120 -20.43 -33.64 -8.13
C GLU C 120 -21.89 -33.84 -7.68
N ALA C 121 -22.76 -32.85 -7.91
CA ALA C 121 -24.21 -32.93 -7.61
C ALA C 121 -24.85 -34.12 -8.31
N GLU C 122 -24.60 -34.30 -9.62
CA GLU C 122 -25.17 -35.44 -10.39
C GLU C 122 -24.70 -36.77 -9.78
N ALA C 123 -23.48 -36.86 -9.25
CA ALA C 123 -22.89 -38.10 -8.72
C ALA C 123 -23.53 -38.44 -7.36
N LEU C 124 -23.93 -37.43 -6.59
CA LEU C 124 -24.43 -37.60 -5.21
C LEU C 124 -25.96 -37.69 -5.15
N PHE C 125 -26.69 -36.79 -5.82
CA PHE C 125 -28.13 -36.53 -5.53
C PHE C 125 -29.08 -36.88 -6.69
N SER C 126 -28.64 -37.51 -7.77
CA SER C 126 -29.54 -37.71 -8.95
C SER C 126 -30.91 -38.21 -8.49
N LYS C 127 -31.97 -37.53 -8.93
CA LYS C 127 -33.42 -37.84 -8.81
C LYS C 127 -33.93 -37.65 -7.38
N GLU C 128 -33.07 -37.45 -6.37
CA GLU C 128 -33.50 -37.39 -4.96
C GLU C 128 -33.72 -35.94 -4.52
N ILE C 129 -32.69 -35.09 -4.72
CA ILE C 129 -32.55 -33.71 -4.15
C ILE C 129 -32.51 -32.70 -5.30
N SER C 130 -33.25 -31.60 -5.17
CA SER C 130 -33.34 -30.53 -6.19
C SER C 130 -32.18 -29.54 -5.97
N PHE C 131 -31.04 -29.84 -6.58
CA PHE C 131 -29.86 -28.96 -6.66
C PHE C 131 -29.89 -28.16 -7.96
N ILE C 132 -29.86 -26.85 -7.83
CA ILE C 132 -29.81 -25.88 -8.96
C ILE C 132 -28.58 -25.01 -8.73
N GLY C 133 -27.58 -25.15 -9.59
CA GLY C 133 -26.38 -24.30 -9.60
C GLY C 133 -26.77 -22.86 -9.89
N GLY C 134 -26.10 -21.92 -9.23
CA GLY C 134 -26.32 -20.48 -9.44
C GLY C 134 -25.03 -19.73 -9.69
N HIS C 135 -25.11 -18.63 -10.43
CA HIS C 135 -24.00 -17.67 -10.64
C HIS C 135 -24.60 -16.30 -10.86
N PRO C 136 -24.67 -15.46 -9.81
CA PRO C 136 -25.02 -14.05 -9.98
C PRO C 136 -23.83 -13.33 -10.64
N MET C 137 -24.04 -12.74 -11.81
CA MET C 137 -23.00 -12.08 -12.64
C MET C 137 -22.88 -10.62 -12.16
N ALA C 138 -22.67 -10.44 -10.88
CA ALA C 138 -22.47 -9.12 -10.23
C ALA C 138 -21.75 -9.37 -8.91
N GLY C 139 -20.91 -8.43 -8.50
CA GLY C 139 -20.18 -8.57 -7.24
C GLY C 139 -19.24 -7.42 -6.98
N SER C 140 -18.00 -7.74 -6.61
CA SER C 140 -17.03 -6.82 -5.98
C SER C 140 -15.74 -7.60 -5.74
N HIS C 141 -14.61 -6.91 -5.81
CA HIS C 141 -13.28 -7.35 -5.30
C HIS C 141 -13.32 -7.39 -3.77
N LYS C 142 -14.23 -6.64 -3.15
CA LYS C 142 -14.43 -6.56 -1.68
C LYS C 142 -14.97 -7.90 -1.20
N THR C 143 -14.50 -8.35 -0.03
CA THR C 143 -14.95 -9.60 0.63
C THR C 143 -15.60 -9.23 1.96
N GLY C 144 -16.24 -10.23 2.58
CA GLY C 144 -16.81 -10.07 3.92
C GLY C 144 -18.25 -9.59 3.85
N VAL C 145 -19.02 -10.07 4.82
CA VAL C 145 -20.45 -9.76 5.02
C VAL C 145 -20.58 -8.25 5.27
N GLU C 146 -19.54 -7.60 5.82
CA GLU C 146 -19.58 -6.13 6.05
C GLU C 146 -19.97 -5.41 4.75
N SER C 147 -19.56 -5.89 3.57
CA SER C 147 -19.78 -5.20 2.27
C SER C 147 -21.06 -5.69 1.56
N ALA C 148 -21.89 -6.53 2.19
CA ALA C 148 -23.06 -7.15 1.53
C ALA C 148 -24.19 -6.14 1.39
N LYS C 149 -24.97 -6.23 0.32
CA LYS C 149 -26.08 -5.30 -0.04
C LYS C 149 -27.21 -6.09 -0.70
N ALA C 150 -28.46 -5.76 -0.37
CA ALA C 150 -29.66 -6.43 -0.92
C ALA C 150 -29.74 -6.20 -2.44
N HIS C 151 -29.25 -5.05 -2.91
CA HIS C 151 -29.41 -4.57 -4.31
C HIS C 151 -28.19 -4.94 -5.17
N LEU C 152 -27.27 -5.74 -4.66
CA LEU C 152 -25.96 -5.99 -5.34
C LEU C 152 -26.18 -6.57 -6.74
N PHE C 153 -27.24 -7.35 -6.93
CA PHE C 153 -27.53 -8.13 -8.18
C PHE C 153 -28.60 -7.44 -9.02
N GLU C 154 -29.04 -6.23 -8.65
CA GLU C 154 -30.12 -5.50 -9.37
C GLU C 154 -29.73 -5.39 -10.86
N ASN C 155 -30.62 -5.82 -11.76
CA ASN C 155 -30.50 -5.64 -13.24
C ASN C 155 -29.33 -6.46 -13.80
N ALA C 156 -28.71 -7.34 -12.99
CA ALA C 156 -27.62 -8.24 -13.44
C ALA C 156 -28.23 -9.59 -13.85
N PHE C 157 -27.59 -10.27 -14.80
CA PHE C 157 -27.90 -11.67 -15.15
C PHE C 157 -27.53 -12.56 -13.96
N TYR C 158 -28.35 -13.57 -13.72
CA TYR C 158 -28.17 -14.61 -12.68
C TYR C 158 -28.35 -15.95 -13.40
N ILE C 159 -27.27 -16.73 -13.53
CA ILE C 159 -27.29 -18.01 -14.28
C ILE C 159 -27.73 -19.10 -13.33
N LEU C 160 -28.63 -19.97 -13.80
CA LEU C 160 -29.09 -21.19 -13.11
C LEU C 160 -28.68 -22.37 -14.00
N THR C 161 -28.05 -23.37 -13.40
CA THR C 161 -27.69 -24.66 -14.04
C THR C 161 -28.39 -25.78 -13.27
N PRO C 162 -29.70 -26.00 -13.51
CA PRO C 162 -30.42 -27.05 -12.79
C PRO C 162 -29.85 -28.43 -13.12
N MET C 163 -29.90 -29.38 -12.17
CA MET C 163 -29.59 -30.79 -12.44
C MET C 163 -30.62 -31.33 -13.45
N HIS C 164 -30.27 -32.40 -14.16
CA HIS C 164 -31.07 -32.93 -15.30
C HIS C 164 -32.47 -33.29 -14.81
N HIS C 165 -32.60 -33.86 -13.60
CA HIS C 165 -33.91 -34.36 -13.11
C HIS C 165 -34.79 -33.23 -12.57
N VAL C 166 -34.25 -32.02 -12.33
CA VAL C 166 -34.97 -31.01 -11.52
C VAL C 166 -36.17 -30.52 -12.29
N PRO C 167 -37.39 -30.70 -11.73
CA PRO C 167 -38.60 -30.23 -12.40
C PRO C 167 -38.69 -28.71 -12.38
N ASN C 168 -39.36 -28.16 -13.39
CA ASN C 168 -39.38 -26.72 -13.70
C ASN C 168 -40.01 -25.97 -12.51
N GLU C 169 -40.98 -26.56 -11.81
CA GLU C 169 -41.64 -25.96 -10.61
C GLU C 169 -40.58 -25.54 -9.58
N HIS C 170 -39.49 -26.29 -9.43
CA HIS C 170 -38.44 -26.02 -8.40
C HIS C 170 -37.56 -24.86 -8.87
N VAL C 171 -37.30 -24.77 -10.18
CA VAL C 171 -36.59 -23.62 -10.81
C VAL C 171 -37.44 -22.35 -10.59
N GLU C 172 -38.75 -22.44 -10.81
CA GLU C 172 -39.68 -21.29 -10.63
C GLU C 172 -39.74 -20.93 -9.14
N GLU C 173 -39.69 -21.92 -8.25
CA GLU C 173 -39.63 -21.67 -6.78
C GLU C 173 -38.36 -20.89 -6.47
N LEU C 174 -37.21 -21.32 -7.00
CA LEU C 174 -35.91 -20.68 -6.69
C LEU C 174 -35.95 -19.23 -7.19
N LYS C 175 -36.50 -19.00 -8.39
CA LYS C 175 -36.64 -17.64 -8.97
C LYS C 175 -37.48 -16.79 -8.01
N ASP C 176 -38.48 -17.40 -7.36
CA ASP C 176 -39.40 -16.69 -6.44
C ASP C 176 -38.66 -16.42 -5.12
N TRP C 177 -37.88 -17.38 -4.63
CA TRP C 177 -37.01 -17.19 -3.44
C TRP C 177 -36.14 -15.95 -3.62
N LEU C 178 -35.64 -15.76 -4.85
CA LEU C 178 -34.58 -14.78 -5.19
C LEU C 178 -35.15 -13.60 -5.98
N LYS C 179 -36.48 -13.39 -5.99
CA LYS C 179 -37.06 -12.24 -6.76
C LYS C 179 -36.54 -10.92 -6.17
N GLY C 180 -36.24 -10.88 -4.87
CA GLY C 180 -35.67 -9.70 -4.20
C GLY C 180 -34.37 -9.23 -4.83
N THR C 181 -33.67 -10.08 -5.58
CA THR C 181 -32.36 -9.74 -6.20
C THR C 181 -32.54 -8.68 -7.28
N GLY C 182 -33.68 -8.66 -7.95
CA GLY C 182 -33.95 -7.83 -9.14
C GLY C 182 -33.14 -8.29 -10.33
N SER C 183 -32.70 -9.55 -10.35
CA SER C 183 -31.80 -10.11 -11.38
C SER C 183 -32.63 -10.67 -12.53
N HIS C 184 -32.01 -10.76 -13.71
CA HIS C 184 -32.56 -11.43 -14.90
C HIS C 184 -32.03 -12.86 -14.90
N PHE C 185 -32.89 -13.83 -14.61
CA PHE C 185 -32.52 -15.25 -14.46
C PHE C 185 -32.45 -15.91 -15.85
N LEU C 186 -31.44 -16.74 -16.02
CA LEU C 186 -31.03 -17.31 -17.33
C LEU C 186 -30.57 -18.74 -17.08
N VAL C 187 -31.23 -19.71 -17.70
CA VAL C 187 -30.90 -21.15 -17.57
C VAL C 187 -29.88 -21.49 -18.65
N LEU C 188 -28.71 -21.98 -18.23
CA LEU C 188 -27.63 -22.41 -19.14
C LEU C 188 -27.24 -23.84 -18.79
N ASN C 189 -26.66 -24.55 -19.74
CA ASN C 189 -25.93 -25.79 -19.39
C ASN C 189 -24.55 -25.36 -18.88
N THR C 190 -23.88 -26.32 -18.28
CA THR C 190 -22.63 -26.14 -17.49
C THR C 190 -21.52 -25.79 -18.50
N GLU C 191 -21.52 -26.40 -19.69
CA GLU C 191 -20.45 -26.21 -20.70
C GLU C 191 -20.57 -24.79 -21.27
N GLU C 192 -21.76 -24.36 -21.66
CA GLU C 192 -22.07 -22.97 -22.09
C GLU C 192 -21.57 -22.02 -20.99
N HIS C 193 -21.99 -22.24 -19.75
CA HIS C 193 -21.68 -21.30 -18.64
C HIS C 193 -20.16 -21.16 -18.51
N ASP C 194 -19.43 -22.25 -18.31
CA ASP C 194 -17.99 -22.20 -18.00
C ASP C 194 -17.20 -21.69 -19.20
N TYR C 195 -17.69 -21.88 -20.42
CA TYR C 195 -17.02 -21.39 -21.65
C TYR C 195 -17.12 -19.87 -21.70
N VAL C 196 -18.34 -19.32 -21.61
CA VAL C 196 -18.59 -17.86 -21.72
C VAL C 196 -17.94 -17.16 -20.53
N THR C 197 -18.12 -17.64 -19.31
CA THR C 197 -17.55 -16.96 -18.12
C THR C 197 -16.03 -17.12 -18.14
N GLY C 198 -15.49 -18.17 -18.74
CA GLY C 198 -14.02 -18.35 -18.86
C GLY C 198 -13.40 -17.19 -19.65
N ILE C 199 -14.05 -16.83 -20.75
CA ILE C 199 -13.60 -15.75 -21.69
C ILE C 199 -13.85 -14.36 -21.11
N VAL C 200 -15.05 -14.11 -20.59
CA VAL C 200 -15.54 -12.74 -20.25
C VAL C 200 -15.18 -12.39 -18.79
N SER C 201 -14.90 -13.35 -17.93
CA SER C 201 -14.71 -13.09 -16.48
C SER C 201 -13.37 -13.68 -15.99
N HIS C 202 -13.14 -14.96 -16.21
CA HIS C 202 -12.02 -15.67 -15.55
C HIS C 202 -10.70 -15.19 -16.16
N PHE C 203 -10.63 -15.17 -17.48
CA PHE C 203 -9.39 -14.84 -18.21
C PHE C 203 -8.99 -13.38 -17.93
N PRO C 204 -9.91 -12.40 -17.98
CA PRO C 204 -9.60 -11.04 -17.56
C PRO C 204 -9.01 -10.91 -16.14
N HIS C 205 -9.44 -11.73 -15.19
CA HIS C 205 -8.89 -11.72 -13.81
C HIS C 205 -7.42 -12.15 -13.90
N LEU C 206 -7.08 -13.12 -14.74
CA LEU C 206 -5.68 -13.60 -14.86
C LEU C 206 -4.80 -12.47 -15.41
N ILE C 207 -5.31 -11.73 -16.40
CA ILE C 207 -4.54 -10.66 -17.08
C ILE C 207 -4.34 -9.51 -16.08
N ALA C 208 -5.39 -9.14 -15.34
CA ALA C 208 -5.33 -8.05 -14.33
C ALA C 208 -4.22 -8.34 -13.32
N ALA C 209 -4.17 -9.58 -12.82
CA ALA C 209 -3.16 -10.00 -11.82
C ALA C 209 -1.77 -9.90 -12.45
N GLY C 210 -1.64 -10.34 -13.71
CA GLY C 210 -0.36 -10.29 -14.45
C GLY C 210 0.12 -8.87 -14.64
N LEU C 211 -0.80 -7.96 -14.92
CA LEU C 211 -0.51 -6.53 -15.16
C LEU C 211 0.02 -5.92 -13.85
N VAL C 212 -0.62 -6.25 -12.73
CA VAL C 212 -0.18 -5.76 -11.39
C VAL C 212 1.21 -6.32 -11.08
N LYS C 213 1.47 -7.58 -11.46
CA LYS C 213 2.78 -8.22 -11.14
C LYS C 213 3.89 -7.59 -11.97
N GLN C 214 3.61 -7.20 -13.20
CA GLN C 214 4.62 -6.63 -14.12
C GLN C 214 5.01 -5.26 -13.59
N VAL C 215 4.02 -4.47 -13.16
CA VAL C 215 4.24 -3.11 -12.57
C VAL C 215 5.06 -3.23 -11.28
N GLU C 216 4.75 -4.21 -10.42
CA GLU C 216 5.47 -4.38 -9.13
C GLU C 216 6.96 -4.63 -9.41
N LYS C 217 7.26 -5.43 -10.44
CA LYS C 217 8.64 -5.84 -10.79
C LYS C 217 9.46 -4.57 -11.06
N HIS C 218 8.85 -3.54 -11.65
CA HIS C 218 9.53 -2.27 -12.00
C HIS C 218 9.52 -1.28 -10.85
N ALA C 219 8.51 -1.32 -9.98
CA ALA C 219 8.26 -0.31 -8.93
C ALA C 219 9.48 -0.17 -8.02
N GLY C 220 10.14 -1.28 -7.71
CA GLY C 220 11.33 -1.32 -6.85
C GLY C 220 12.36 -0.29 -7.29
N ASP C 221 12.52 -0.08 -8.61
CA ASP C 221 13.67 0.68 -9.16
C ASP C 221 13.34 2.16 -9.32
N ASN C 222 12.06 2.56 -9.44
CA ASN C 222 11.65 4.00 -9.44
C ASN C 222 10.42 4.19 -8.58
N PRO C 223 10.54 4.80 -7.37
CA PRO C 223 9.42 4.93 -6.44
C PRO C 223 8.24 5.76 -6.96
N LEU C 224 8.44 6.59 -7.98
CA LEU C 224 7.33 7.35 -8.61
C LEU C 224 6.29 6.40 -9.19
N ILE C 225 6.69 5.21 -9.67
CA ILE C 225 5.75 4.19 -10.23
C ILE C 225 4.67 3.88 -9.19
N HIS C 226 5.07 3.62 -7.95
CA HIS C 226 4.13 3.35 -6.83
C HIS C 226 3.12 4.49 -6.68
N GLN C 227 3.60 5.73 -6.77
CA GLN C 227 2.75 6.95 -6.60
C GLN C 227 1.83 7.13 -7.81
N LEU C 228 2.34 6.92 -9.02
CA LEU C 228 1.58 7.15 -10.28
C LEU C 228 0.67 5.95 -10.58
N ALA C 229 0.99 4.76 -10.09
CA ALA C 229 0.11 3.58 -10.26
C ALA C 229 -1.17 3.74 -9.43
N ALA C 230 -1.18 4.63 -8.43
CA ALA C 230 -2.32 4.87 -7.51
C ALA C 230 -3.46 5.60 -8.23
N GLY C 231 -3.20 6.11 -9.44
CA GLY C 231 -4.22 6.74 -10.30
C GLY C 231 -4.93 5.75 -11.19
N GLY C 232 -4.81 5.96 -12.51
CA GLY C 232 -5.55 5.24 -13.56
C GLY C 232 -5.37 3.75 -13.42
N PHE C 233 -4.12 3.30 -13.27
CA PHE C 233 -3.70 1.88 -13.21
C PHE C 233 -4.44 1.11 -12.10
N LYS C 234 -4.52 1.68 -10.88
CA LYS C 234 -5.22 1.07 -9.71
C LYS C 234 -6.71 0.87 -10.02
N ASP C 235 -7.38 1.84 -10.65
CA ASP C 235 -8.83 1.79 -10.99
C ASP C 235 -9.11 0.66 -11.98
N ILE C 236 -8.34 0.52 -13.05
CA ILE C 236 -8.61 -0.49 -14.12
C ILE C 236 -8.26 -1.92 -13.64
N THR C 237 -7.41 -2.06 -12.61
CA THR C 237 -6.92 -3.38 -12.08
C THR C 237 -7.60 -3.77 -10.76
N ARG C 238 -8.71 -3.10 -10.42
CA ARG C 238 -9.56 -3.31 -9.23
C ARG C 238 -9.76 -4.81 -8.94
N ILE C 239 -10.03 -5.64 -9.95
CA ILE C 239 -10.40 -7.06 -9.75
C ILE C 239 -9.21 -7.87 -9.21
N ALA C 240 -7.98 -7.36 -9.33
CA ALA C 240 -6.77 -8.04 -8.82
C ALA C 240 -6.75 -8.04 -7.29
N SER C 241 -7.59 -7.23 -6.65
CA SER C 241 -7.71 -7.17 -5.17
C SER C 241 -8.76 -8.18 -4.68
N SER C 242 -9.33 -9.00 -5.57
CA SER C 242 -10.35 -10.03 -5.22
C SER C 242 -9.71 -11.16 -4.40
N SER C 243 -10.52 -11.91 -3.67
CA SER C 243 -10.10 -13.06 -2.83
C SER C 243 -9.20 -14.00 -3.63
N PRO C 244 -7.91 -14.15 -3.27
CA PRO C 244 -7.05 -15.14 -3.92
C PRO C 244 -7.56 -16.59 -3.80
N LYS C 245 -8.06 -16.97 -2.64
CA LYS C 245 -8.71 -18.30 -2.41
C LYS C 245 -9.81 -18.52 -3.47
N MET C 246 -10.72 -17.56 -3.59
CA MET C 246 -11.87 -17.68 -4.51
C MET C 246 -11.36 -17.90 -5.94
N TRP C 247 -10.32 -17.18 -6.34
CA TRP C 247 -9.86 -17.16 -7.75
C TRP C 247 -8.93 -18.36 -8.02
N SER C 248 -8.15 -18.79 -7.04
CA SER C 248 -7.43 -20.09 -7.15
C SER C 248 -8.46 -21.19 -7.44
N ASP C 249 -9.58 -21.19 -6.72
CA ASP C 249 -10.62 -22.24 -6.86
C ASP C 249 -11.20 -22.17 -8.27
N ILE C 250 -11.45 -20.97 -8.78
CA ILE C 250 -12.12 -20.78 -10.10
C ILE C 250 -11.15 -21.29 -11.19
N VAL C 251 -9.89 -20.91 -11.11
CA VAL C 251 -8.87 -21.34 -12.13
C VAL C 251 -8.77 -22.87 -12.11
N LYS C 252 -8.75 -23.49 -10.93
CA LYS C 252 -8.70 -24.97 -10.78
C LYS C 252 -9.90 -25.58 -11.51
N GLN C 253 -11.08 -24.99 -11.38
CA GLN C 253 -12.35 -25.56 -11.92
C GLN C 253 -12.57 -25.14 -13.38
N ASN C 254 -11.75 -24.27 -13.97
CA ASN C 254 -11.89 -23.93 -15.41
C ASN C 254 -10.52 -24.02 -16.08
N ARG C 255 -9.61 -24.80 -15.50
CA ARG C 255 -8.17 -24.86 -15.90
C ARG C 255 -8.00 -25.08 -17.41
N GLU C 256 -8.74 -26.01 -18.00
CA GLU C 256 -8.45 -26.48 -19.38
C GLU C 256 -8.83 -25.36 -20.35
N HIS C 257 -9.97 -24.70 -20.15
CA HIS C 257 -10.38 -23.50 -20.95
C HIS C 257 -9.30 -22.40 -20.80
N LEU C 258 -8.86 -22.13 -19.58
CA LEU C 258 -7.95 -20.98 -19.32
C LEU C 258 -6.59 -21.27 -19.98
N MET C 259 -6.11 -22.51 -19.93
CA MET C 259 -4.87 -22.94 -20.61
C MET C 259 -4.95 -22.65 -22.11
N VAL C 260 -6.07 -22.99 -22.75
CA VAL C 260 -6.25 -22.74 -24.21
C VAL C 260 -6.31 -21.22 -24.46
N LEU C 261 -7.00 -20.45 -23.62
CA LEU C 261 -7.09 -18.96 -23.76
C LEU C 261 -5.71 -18.32 -23.56
N LEU C 262 -4.89 -18.80 -22.62
CA LEU C 262 -3.53 -18.23 -22.40
C LEU C 262 -2.63 -18.47 -23.62
N LYS C 263 -2.70 -19.63 -24.27
CA LYS C 263 -1.93 -19.90 -25.51
C LYS C 263 -2.43 -18.96 -26.64
N GLU C 264 -3.73 -18.72 -26.76
CA GLU C 264 -4.26 -17.74 -27.74
C GLU C 264 -3.67 -16.39 -27.41
N TRP C 265 -3.73 -16.02 -26.14
CA TRP C 265 -3.30 -14.70 -25.64
C TRP C 265 -1.83 -14.48 -25.99
N ILE C 266 -0.96 -15.45 -25.68
CA ILE C 266 0.48 -15.36 -26.01
C ILE C 266 0.64 -15.08 -27.51
N SER C 267 -0.13 -15.74 -28.35
CA SER C 267 -0.07 -15.56 -29.81
C SER C 267 -0.58 -14.15 -30.18
N GLU C 268 -1.61 -13.68 -29.50
CA GLU C 268 -2.16 -12.30 -29.68
C GLU C 268 -1.08 -11.27 -29.33
N MET C 269 -0.37 -11.48 -28.21
CA MET C 269 0.72 -10.59 -27.75
C MET C 269 1.89 -10.64 -28.73
N GLU C 270 2.22 -11.81 -29.29
CA GLU C 270 3.30 -11.91 -30.31
C GLU C 270 2.90 -11.12 -31.56
N ASP C 271 1.63 -11.12 -31.95
CA ASP C 271 1.13 -10.33 -33.12
C ASP C 271 1.18 -8.82 -32.79
N LEU C 272 0.81 -8.43 -31.57
CA LEU C 272 0.84 -7.00 -31.18
C LEU C 272 2.30 -6.51 -31.19
N TYR C 273 3.23 -7.32 -30.67
CA TYR C 273 4.67 -7.02 -30.70
C TYR C 273 5.14 -6.77 -32.14
N ASP C 274 4.74 -7.62 -33.08
CA ASP C 274 5.11 -7.46 -34.52
C ASP C 274 4.53 -6.14 -35.06
N THR C 275 3.31 -5.81 -34.68
CA THR C 275 2.68 -4.52 -35.08
C THR C 275 3.48 -3.34 -34.51
N VAL C 276 3.82 -3.38 -33.22
CA VAL C 276 4.55 -2.25 -32.59
C VAL C 276 5.96 -2.17 -33.19
N SER C 277 6.64 -3.31 -33.36
CA SER C 277 7.98 -3.43 -34.02
C SER C 277 7.95 -2.81 -35.42
N SER C 278 6.87 -2.99 -36.17
CA SER C 278 6.76 -2.52 -37.58
C SER C 278 6.91 -1.00 -37.60
N GLY C 279 6.50 -0.34 -36.52
CA GLY C 279 6.47 1.13 -36.40
C GLY C 279 5.39 1.76 -37.26
N ASP C 280 4.48 1.00 -37.88
CA ASP C 280 3.45 1.54 -38.81
C ASP C 280 2.34 2.19 -37.97
N ALA C 281 2.28 3.53 -37.98
CA ALA C 281 1.29 4.37 -37.25
C ALA C 281 -0.15 3.95 -37.61
N GLY C 282 -0.42 3.65 -38.88
CA GLY C 282 -1.74 3.20 -39.39
C GLY C 282 -2.15 1.85 -38.80
N GLU C 283 -1.26 0.85 -38.83
CA GLU C 283 -1.52 -0.51 -38.29
C GLU C 283 -1.73 -0.40 -36.78
N ILE C 284 -0.92 0.40 -36.09
CA ILE C 284 -1.06 0.63 -34.63
C ILE C 284 -2.41 1.31 -34.38
N GLN C 285 -2.77 2.33 -35.16
CA GLN C 285 -4.08 3.01 -35.02
C GLN C 285 -5.23 2.02 -35.26
N ASN C 286 -5.14 1.15 -36.28
CA ASN C 286 -6.17 0.13 -36.61
C ASN C 286 -6.40 -0.78 -35.40
N TYR C 287 -5.32 -1.18 -34.72
CA TYR C 287 -5.38 -2.07 -33.55
C TYR C 287 -6.29 -1.44 -32.49
N PHE C 288 -6.08 -0.16 -32.19
CA PHE C 288 -6.84 0.55 -31.13
C PHE C 288 -8.27 0.83 -31.60
N ALA C 289 -8.44 1.13 -32.89
CA ALA C 289 -9.75 1.44 -33.53
C ALA C 289 -10.64 0.19 -33.48
N ASP C 290 -10.07 -0.98 -33.77
CA ASP C 290 -10.79 -2.28 -33.73
C ASP C 290 -11.25 -2.54 -32.29
N ALA C 291 -10.36 -2.37 -31.31
CA ALA C 291 -10.68 -2.54 -29.88
C ALA C 291 -11.80 -1.56 -29.51
N LYS C 292 -11.71 -0.31 -29.95
CA LYS C 292 -12.68 0.75 -29.60
C LYS C 292 -14.04 0.39 -30.17
N GLU C 293 -14.09 -0.06 -31.43
CA GLU C 293 -15.35 -0.46 -32.10
C GLU C 293 -16.04 -1.57 -31.28
N TYR C 294 -15.31 -2.60 -30.87
CA TYR C 294 -15.93 -3.72 -30.12
C TYR C 294 -16.38 -3.22 -28.75
N ARG C 295 -15.50 -2.53 -28.01
CA ARG C 295 -15.82 -2.13 -26.62
C ARG C 295 -17.04 -1.21 -26.63
N ASP C 296 -17.18 -0.35 -27.64
CA ASP C 296 -18.29 0.63 -27.72
C ASP C 296 -19.58 -0.10 -28.11
N SER C 297 -19.46 -1.30 -28.69
CA SER C 297 -20.59 -2.10 -29.25
C SER C 297 -21.28 -2.90 -28.13
N LEU C 298 -20.66 -3.02 -26.94
CA LEU C 298 -21.33 -3.68 -25.79
C LEU C 298 -22.57 -2.88 -25.40
N PRO C 299 -23.69 -3.55 -25.03
CA PRO C 299 -24.89 -2.83 -24.60
C PRO C 299 -24.71 -2.10 -23.25
N VAL C 300 -25.55 -1.10 -23.01
CA VAL C 300 -25.40 -0.09 -21.91
C VAL C 300 -25.50 -0.72 -20.50
N ARG C 301 -26.59 -1.42 -20.16
CA ARG C 301 -26.78 -2.10 -18.84
C ARG C 301 -26.43 -1.15 -17.70
N MET D 16 -5.81 45.78 -21.26
CA MET D 16 -6.68 44.61 -21.63
C MET D 16 -6.15 43.34 -20.93
N ARG D 17 -7.06 42.42 -20.59
CA ARG D 17 -6.75 41.14 -19.90
C ARG D 17 -5.79 40.30 -20.76
N LYS D 18 -5.01 39.41 -20.14
CA LYS D 18 -3.96 38.58 -20.81
C LYS D 18 -4.63 37.58 -21.75
N LYS D 19 -3.88 37.10 -22.73
CA LYS D 19 -4.39 36.28 -23.87
C LYS D 19 -3.74 34.90 -23.84
N VAL D 20 -4.57 33.87 -24.00
CA VAL D 20 -4.17 32.45 -24.01
C VAL D 20 -4.59 31.88 -25.37
N VAL D 21 -3.73 31.09 -25.99
CA VAL D 21 -4.10 30.31 -27.19
C VAL D 21 -4.15 28.83 -26.79
N LEU D 22 -5.26 28.18 -27.10
CA LEU D 22 -5.43 26.72 -26.99
C LEU D 22 -5.43 26.11 -28.39
N ILE D 23 -4.39 25.34 -28.71
CA ILE D 23 -4.26 24.58 -30.00
C ILE D 23 -4.70 23.14 -29.72
N GLY D 24 -5.88 22.75 -30.21
CA GLY D 24 -6.51 21.46 -29.90
C GLY D 24 -7.55 21.61 -28.81
N THR D 25 -8.80 21.85 -29.21
CA THR D 25 -9.91 22.21 -28.29
C THR D 25 -10.74 20.95 -28.02
N GLY D 26 -10.14 19.98 -27.33
CA GLY D 26 -10.74 18.67 -27.00
C GLY D 26 -10.87 18.50 -25.51
N LEU D 27 -10.79 17.27 -25.03
CA LEU D 27 -11.08 16.92 -23.62
C LEU D 27 -10.08 17.65 -22.71
N ILE D 28 -8.79 17.42 -22.91
CA ILE D 28 -7.74 17.91 -21.97
C ILE D 28 -7.58 19.40 -22.19
N GLY D 29 -7.55 19.84 -23.44
CA GLY D 29 -7.46 21.27 -23.77
C GLY D 29 -8.61 22.03 -23.12
N GLY D 30 -9.84 21.63 -23.41
CA GLY D 30 -11.05 22.28 -22.88
C GLY D 30 -10.98 22.34 -21.37
N SER D 31 -10.67 21.20 -20.74
CA SER D 31 -10.56 21.04 -19.26
C SER D 31 -9.54 22.06 -18.72
N LEU D 32 -8.39 22.19 -19.35
CA LEU D 32 -7.32 23.11 -18.89
C LEU D 32 -7.77 24.56 -19.09
N ALA D 33 -8.42 24.86 -20.22
CA ALA D 33 -9.02 26.19 -20.48
C ALA D 33 -9.98 26.52 -19.32
N LEU D 34 -10.83 25.59 -18.92
CA LEU D 34 -11.83 25.83 -17.83
C LEU D 34 -11.11 26.09 -16.50
N ALA D 35 -10.00 25.39 -16.23
CA ALA D 35 -9.22 25.50 -14.98
C ALA D 35 -8.53 26.86 -14.92
N ILE D 36 -8.08 27.37 -16.07
CA ILE D 36 -7.42 28.70 -16.18
C ILE D 36 -8.44 29.78 -15.89
N LYS D 37 -9.61 29.72 -16.56
CA LYS D 37 -10.70 30.73 -16.47
C LYS D 37 -11.23 30.78 -15.04
N LYS D 38 -11.23 29.64 -14.34
CA LYS D 38 -11.65 29.53 -12.92
C LYS D 38 -10.86 30.52 -12.04
N ASP D 39 -9.54 30.65 -12.25
CA ASP D 39 -8.64 31.41 -11.33
C ASP D 39 -8.07 32.67 -12.01
N HIS D 40 -8.36 32.90 -13.29
CA HIS D 40 -7.76 34.02 -14.07
C HIS D 40 -8.79 34.60 -15.04
N ASP D 41 -8.85 35.93 -15.10
CA ASP D 41 -9.68 36.69 -16.06
C ASP D 41 -8.83 36.92 -17.31
N VAL D 42 -9.07 36.12 -18.36
CA VAL D 42 -8.23 36.08 -19.59
C VAL D 42 -9.10 35.82 -20.83
N THR D 43 -8.57 36.15 -21.99
CA THR D 43 -9.16 35.84 -23.32
C THR D 43 -8.52 34.56 -23.84
N ILE D 44 -9.28 33.48 -23.96
CA ILE D 44 -8.80 32.21 -24.58
C ILE D 44 -9.31 32.15 -26.01
N THR D 45 -8.37 32.17 -26.96
CA THR D 45 -8.63 31.95 -28.39
C THR D 45 -8.34 30.48 -28.71
N GLY D 46 -9.28 29.81 -29.38
CA GLY D 46 -9.15 28.39 -29.73
C GLY D 46 -8.76 28.19 -31.19
N TYR D 47 -7.97 27.15 -31.45
CA TYR D 47 -7.64 26.65 -32.81
C TYR D 47 -7.72 25.12 -32.79
N ASP D 48 -8.33 24.52 -33.81
CA ASP D 48 -8.40 23.05 -34.03
C ASP D 48 -8.47 22.79 -35.53
N ILE D 49 -7.89 21.68 -36.02
CA ILE D 49 -8.02 21.26 -37.45
C ILE D 49 -9.49 20.98 -37.78
N PHE D 50 -10.30 20.66 -36.77
CA PHE D 50 -11.76 20.37 -36.92
C PHE D 50 -12.52 21.59 -36.44
N GLN D 51 -13.04 22.37 -37.38
CA GLN D 51 -13.83 23.62 -37.12
C GLN D 51 -14.97 23.33 -36.15
N GLU D 52 -15.74 22.26 -36.37
CA GLU D 52 -16.87 21.83 -35.51
C GLU D 52 -16.44 21.79 -34.04
N GLN D 53 -15.24 21.27 -33.75
CA GLN D 53 -14.76 21.07 -32.36
C GLN D 53 -14.55 22.44 -31.69
N VAL D 54 -13.89 23.37 -32.37
CA VAL D 54 -13.55 24.70 -31.81
C VAL D 54 -14.83 25.56 -31.76
N GLU D 55 -15.73 25.42 -32.72
CA GLU D 55 -17.05 26.13 -32.72
C GLU D 55 -17.84 25.68 -31.49
N ARG D 56 -17.83 24.37 -31.20
CA ARG D 56 -18.53 23.77 -30.05
C ARG D 56 -17.87 24.30 -28.75
N ALA D 57 -16.54 24.34 -28.72
CA ALA D 57 -15.75 24.88 -27.59
C ALA D 57 -16.22 26.31 -27.30
N LYS D 58 -16.47 27.09 -28.36
CA LYS D 58 -16.95 28.50 -28.24
C LYS D 58 -18.40 28.49 -27.72
N GLU D 59 -19.27 27.65 -28.28
CA GLU D 59 -20.69 27.51 -27.83
C GLU D 59 -20.75 27.26 -26.31
N LEU D 60 -19.84 26.44 -25.79
CA LEU D 60 -19.84 25.93 -24.38
C LEU D 60 -19.05 26.86 -23.46
N HIS D 61 -18.55 27.99 -23.97
CA HIS D 61 -17.84 29.04 -23.19
C HIS D 61 -16.54 28.48 -22.61
N VAL D 62 -15.91 27.54 -23.33
CA VAL D 62 -14.58 26.97 -22.99
C VAL D 62 -13.51 27.89 -23.61
N VAL D 63 -13.78 28.40 -24.81
CA VAL D 63 -12.93 29.45 -25.45
C VAL D 63 -13.83 30.65 -25.75
N ASP D 64 -13.23 31.84 -25.81
CA ASP D 64 -13.92 33.14 -26.00
C ASP D 64 -13.96 33.45 -27.50
N GLU D 65 -12.90 33.09 -28.22
CA GLU D 65 -12.73 33.39 -29.66
C GLU D 65 -12.27 32.12 -30.40
N ILE D 66 -12.59 32.05 -31.69
CA ILE D 66 -12.01 31.10 -32.67
C ILE D 66 -10.93 31.85 -33.45
N ALA D 67 -9.73 31.28 -33.59
CA ALA D 67 -8.61 31.92 -34.30
C ALA D 67 -8.80 31.80 -35.82
N VAL D 68 -8.90 32.94 -36.49
CA VAL D 68 -8.84 33.02 -37.98
C VAL D 68 -7.38 32.69 -38.38
N ASP D 69 -6.43 33.46 -37.87
CA ASP D 69 -4.97 33.29 -38.13
C ASP D 69 -4.30 32.71 -36.89
N LEU D 70 -3.79 31.47 -36.97
CA LEU D 70 -2.98 30.84 -35.88
C LEU D 70 -1.76 31.73 -35.53
N GLN D 71 -1.10 32.32 -36.52
CA GLN D 71 0.11 33.15 -36.29
C GLN D 71 -0.26 34.41 -35.47
N HIS D 72 -1.24 35.20 -35.89
CA HIS D 72 -1.64 36.46 -35.21
C HIS D 72 -1.98 36.16 -33.74
N ALA D 73 -2.76 35.11 -33.49
CA ALA D 73 -3.21 34.67 -32.15
C ALA D 73 -2.01 34.36 -31.26
N CYS D 74 -1.09 33.50 -31.74
CA CYS D 74 0.13 33.07 -31.02
C CYS D 74 1.06 34.24 -30.74
N GLU D 75 1.15 35.18 -31.67
CA GLU D 75 2.11 36.31 -31.59
C GLU D 75 1.65 37.29 -30.49
N GLU D 76 0.36 37.29 -30.10
CA GLU D 76 -0.18 38.23 -29.08
C GLU D 76 -0.43 37.51 -27.75
N ALA D 77 -0.19 36.21 -27.68
CA ALA D 77 -0.53 35.34 -26.53
C ALA D 77 0.53 35.47 -25.43
N HIS D 78 0.08 35.47 -24.17
CA HIS D 78 0.94 35.37 -22.96
C HIS D 78 1.19 33.90 -22.63
N LEU D 79 0.23 33.03 -22.96
CA LEU D 79 0.30 31.56 -22.73
C LEU D 79 -0.20 30.85 -23.98
N ILE D 80 0.58 29.90 -24.50
CA ILE D 80 0.15 29.00 -25.60
C ILE D 80 0.13 27.58 -25.05
N VAL D 81 -1.00 26.89 -25.23
CA VAL D 81 -1.22 25.49 -24.78
C VAL D 81 -1.48 24.61 -26.01
N PHE D 82 -0.63 23.59 -26.22
CA PHE D 82 -0.88 22.48 -27.18
C PHE D 82 -1.59 21.33 -26.45
N ALA D 83 -2.85 21.08 -26.82
CA ALA D 83 -3.64 19.92 -26.34
C ALA D 83 -4.02 19.07 -27.54
N SER D 84 -3.12 19.01 -28.54
CA SER D 84 -3.22 18.11 -29.71
C SER D 84 -2.60 16.76 -29.35
N PRO D 85 -2.84 15.69 -30.16
CA PRO D 85 -2.09 14.44 -30.01
C PRO D 85 -0.58 14.72 -30.19
N VAL D 86 0.27 13.88 -29.61
CA VAL D 86 1.71 14.21 -29.38
C VAL D 86 2.47 14.30 -30.71
N GLU D 87 2.12 13.50 -31.71
CA GLU D 87 2.79 13.57 -33.03
C GLU D 87 2.37 14.86 -33.75
N GLU D 88 1.17 15.36 -33.50
CA GLU D 88 0.67 16.61 -34.12
C GLU D 88 1.35 17.80 -33.41
N THR D 89 1.50 17.76 -32.09
CA THR D 89 2.25 18.77 -31.32
C THR D 89 3.68 18.86 -31.90
N LYS D 90 4.38 17.73 -32.00
CA LYS D 90 5.77 17.65 -32.53
C LYS D 90 5.83 18.38 -33.88
N LYS D 91 4.91 18.08 -34.81
CA LYS D 91 4.85 18.70 -36.16
C LYS D 91 4.60 20.21 -36.04
N LEU D 92 3.73 20.64 -35.12
CA LEU D 92 3.29 22.06 -35.03
C LEU D 92 4.37 22.94 -34.41
N LEU D 93 5.32 22.38 -33.66
CA LEU D 93 6.45 23.15 -33.10
C LEU D 93 7.24 23.85 -34.22
N HIS D 94 7.39 23.22 -35.39
CA HIS D 94 8.11 23.80 -36.56
C HIS D 94 7.45 25.13 -36.98
N LYS D 95 6.11 25.17 -36.96
CA LYS D 95 5.32 26.38 -37.32
C LYS D 95 5.52 27.45 -36.26
N LEU D 96 5.47 27.06 -34.98
CA LEU D 96 5.63 28.01 -33.85
C LEU D 96 7.02 28.67 -33.93
N ALA D 97 8.05 27.93 -34.37
CA ALA D 97 9.44 28.43 -34.48
C ALA D 97 9.55 29.54 -35.53
N SER D 98 8.67 29.55 -36.52
CA SER D 98 8.63 30.54 -37.63
C SER D 98 7.96 31.85 -37.18
N PHE D 99 7.17 31.84 -36.09
CA PHE D 99 6.42 33.02 -35.57
C PHE D 99 7.34 33.91 -34.71
N HIS D 100 6.91 35.17 -34.52
CA HIS D 100 7.59 36.16 -33.64
C HIS D 100 6.72 36.33 -32.40
N LEU D 101 7.02 35.56 -31.35
CA LEU D 101 6.21 35.52 -30.12
C LEU D 101 6.64 36.63 -29.16
N ARG D 102 5.81 36.94 -28.17
CA ARG D 102 6.16 37.84 -27.05
C ARG D 102 7.38 37.26 -26.33
N GLU D 103 8.22 38.12 -25.75
CA GLU D 103 9.50 37.71 -25.08
C GLU D 103 9.15 37.01 -23.76
N ASP D 104 7.99 37.31 -23.17
CA ASP D 104 7.55 36.82 -21.84
C ASP D 104 6.64 35.58 -21.97
N VAL D 105 6.38 35.12 -23.20
CA VAL D 105 5.40 34.03 -23.49
C VAL D 105 5.84 32.78 -22.75
N ILE D 106 4.86 32.02 -22.26
CA ILE D 106 5.06 30.63 -21.79
C ILE D 106 4.29 29.73 -22.75
N VAL D 107 4.96 28.69 -23.24
CA VAL D 107 4.38 27.66 -24.14
C VAL D 107 4.43 26.32 -23.40
N THR D 108 3.32 25.58 -23.43
CA THR D 108 3.23 24.27 -22.75
C THR D 108 2.43 23.31 -23.65
N ASP D 109 2.55 22.01 -23.38
CA ASP D 109 1.69 20.98 -24.00
C ASP D 109 1.11 20.13 -22.88
N VAL D 110 0.29 19.15 -23.23
CA VAL D 110 -0.26 18.19 -22.24
C VAL D 110 -0.06 16.76 -22.77
N GLY D 111 0.89 16.54 -23.67
CA GLY D 111 1.18 15.22 -24.25
C GLY D 111 1.44 14.15 -23.20
N SER D 112 0.98 12.92 -23.48
CA SER D 112 1.17 11.73 -22.63
C SER D 112 2.62 11.21 -22.70
N THR D 113 3.40 11.66 -23.69
CA THR D 113 4.85 11.37 -23.87
C THR D 113 5.57 12.70 -23.96
N LYS D 114 6.84 12.77 -23.54
CA LYS D 114 7.54 14.07 -23.46
C LYS D 114 8.89 14.02 -24.20
N GLY D 115 9.54 12.88 -24.32
CA GLY D 115 10.92 12.78 -24.86
C GLY D 115 11.05 13.35 -26.25
N SER D 116 10.24 12.89 -27.20
CA SER D 116 10.23 13.31 -28.62
C SER D 116 9.89 14.80 -28.70
N ILE D 117 8.88 15.23 -27.96
CA ILE D 117 8.42 16.64 -28.01
C ILE D 117 9.56 17.55 -27.52
N MET D 118 10.14 17.25 -26.37
CA MET D 118 11.20 18.10 -25.78
C MET D 118 12.46 18.07 -26.65
N ASN D 119 12.80 16.95 -27.30
CA ASN D 119 13.96 16.89 -28.23
C ASN D 119 13.73 17.83 -29.41
N GLU D 120 12.50 17.83 -29.93
CA GLU D 120 12.13 18.69 -31.08
C GLU D 120 12.17 20.15 -30.67
N ALA D 121 11.62 20.51 -29.51
CA ALA D 121 11.68 21.87 -28.91
C ALA D 121 13.12 22.35 -28.77
N GLU D 122 14.01 21.53 -28.21
CA GLU D 122 15.44 21.90 -28.05
C GLU D 122 16.06 22.15 -29.42
N ALA D 123 15.69 21.41 -30.47
CA ALA D 123 16.28 21.53 -31.81
C ALA D 123 15.81 22.82 -32.49
N LEU D 124 14.59 23.27 -32.20
CA LEU D 124 13.93 24.39 -32.92
C LEU D 124 14.10 25.72 -32.17
N PHE D 125 13.93 25.78 -30.85
CA PHE D 125 13.79 27.06 -30.12
C PHE D 125 14.89 27.33 -29.08
N SER D 126 15.98 26.57 -29.01
CA SER D 126 16.86 26.62 -27.81
C SER D 126 17.09 28.08 -27.37
N LYS D 127 16.89 28.35 -26.07
CA LYS D 127 17.24 29.62 -25.35
C LYS D 127 16.28 30.78 -25.72
N GLU D 128 15.38 30.59 -26.69
CA GLU D 128 14.57 31.73 -27.22
C GLU D 128 13.21 31.79 -26.51
N ILE D 129 12.52 30.63 -26.41
CA ILE D 129 11.10 30.49 -25.98
C ILE D 129 11.06 29.71 -24.66
N SER D 130 10.26 30.12 -23.68
CA SER D 130 10.03 29.33 -22.44
C SER D 130 8.95 28.28 -22.71
N PHE D 131 9.40 27.15 -23.24
CA PHE D 131 8.59 25.94 -23.53
C PHE D 131 8.78 24.99 -22.36
N ILE D 132 7.67 24.64 -21.72
CA ILE D 132 7.63 23.65 -20.61
C ILE D 132 6.64 22.57 -21.02
N GLY D 133 7.14 21.36 -21.23
CA GLY D 133 6.31 20.17 -21.46
C GLY D 133 5.41 19.90 -20.27
N GLY D 134 4.18 19.47 -20.52
CA GLY D 134 3.20 19.12 -19.49
C GLY D 134 2.58 17.75 -19.73
N HIS D 135 2.20 17.05 -18.65
CA HIS D 135 1.40 15.81 -18.70
C HIS D 135 0.54 15.73 -17.46
N PRO D 136 -0.77 16.10 -17.54
CA PRO D 136 -1.68 15.87 -16.43
C PRO D 136 -1.93 14.36 -16.37
N MET D 137 -1.87 13.77 -15.18
CA MET D 137 -1.96 12.30 -15.07
C MET D 137 -3.40 11.88 -14.85
N ALA D 138 -4.34 12.75 -15.21
CA ALA D 138 -5.77 12.42 -15.11
C ALA D 138 -6.41 12.64 -16.48
N GLY D 139 -7.54 12.00 -16.72
CA GLY D 139 -8.21 12.14 -18.02
C GLY D 139 -9.36 11.17 -18.20
N SER D 140 -9.63 10.80 -19.44
CA SER D 140 -10.78 9.93 -19.74
C SER D 140 -10.69 9.29 -21.12
N HIS D 141 -11.24 8.09 -21.26
CA HIS D 141 -11.43 7.42 -22.57
C HIS D 141 -12.31 8.30 -23.48
N LYS D 142 -13.14 9.18 -22.87
CA LYS D 142 -14.04 10.10 -23.58
C LYS D 142 -13.18 11.15 -24.28
N THR D 143 -13.61 11.56 -25.48
CA THR D 143 -12.94 12.59 -26.31
C THR D 143 -13.90 13.77 -26.47
N GLY D 144 -13.38 14.88 -26.97
CA GLY D 144 -14.22 16.05 -27.28
C GLY D 144 -14.37 16.99 -26.11
N VAL D 145 -14.49 18.26 -26.46
CA VAL D 145 -14.67 19.40 -25.53
C VAL D 145 -15.98 19.22 -24.75
N GLU D 146 -16.96 18.51 -25.35
CA GLU D 146 -18.26 18.21 -24.68
C GLU D 146 -17.99 17.63 -23.29
N SER D 147 -16.94 16.80 -23.11
CA SER D 147 -16.65 16.04 -21.87
C SER D 147 -15.64 16.77 -20.97
N ALA D 148 -15.29 18.01 -21.26
CA ALA D 148 -14.27 18.77 -20.49
C ALA D 148 -14.84 19.24 -19.15
N LYS D 149 -14.00 19.29 -18.13
CA LYS D 149 -14.36 19.69 -16.74
C LYS D 149 -13.19 20.46 -16.12
N ALA D 150 -13.48 21.52 -15.35
CA ALA D 150 -12.43 22.34 -14.68
C ALA D 150 -11.68 21.49 -13.65
N HIS D 151 -12.38 20.53 -13.04
CA HIS D 151 -11.91 19.74 -11.86
C HIS D 151 -11.35 18.38 -12.33
N LEU D 152 -11.16 18.17 -13.63
CA LEU D 152 -10.70 16.88 -14.20
C LEU D 152 -9.40 16.44 -13.55
N PHE D 153 -8.52 17.39 -13.20
CA PHE D 153 -7.14 17.15 -12.74
C PHE D 153 -7.01 17.31 -11.22
N GLU D 154 -8.13 17.52 -10.51
CA GLU D 154 -8.12 17.77 -9.03
C GLU D 154 -7.36 16.62 -8.34
N ASN D 155 -6.34 16.96 -7.55
CA ASN D 155 -5.60 16.03 -6.66
C ASN D 155 -4.79 15.02 -7.49
N ALA D 156 -4.66 15.22 -8.80
CA ALA D 156 -3.83 14.38 -9.71
C ALA D 156 -2.44 15.01 -9.87
N PHE D 157 -1.43 14.18 -10.09
CA PHE D 157 -0.07 14.61 -10.48
C PHE D 157 -0.15 15.27 -11.86
N TYR D 158 0.63 16.32 -12.07
CA TYR D 158 0.81 17.04 -13.35
C TYR D 158 2.32 17.17 -13.56
N ILE D 159 2.87 16.48 -14.54
CA ILE D 159 4.35 16.44 -14.76
C ILE D 159 4.70 17.61 -15.68
N LEU D 160 5.79 18.31 -15.34
CA LEU D 160 6.37 19.43 -16.10
C LEU D 160 7.79 19.02 -16.49
N THR D 161 8.14 19.19 -17.77
CA THR D 161 9.49 18.92 -18.32
C THR D 161 9.97 20.21 -18.97
N PRO D 162 10.53 21.16 -18.20
CA PRO D 162 11.02 22.41 -18.78
C PRO D 162 12.19 22.17 -19.73
N MET D 163 12.33 23.01 -20.74
CA MET D 163 13.56 23.06 -21.59
C MET D 163 14.76 23.45 -20.73
N HIS D 164 15.98 23.11 -21.16
CA HIS D 164 17.23 23.26 -20.36
C HIS D 164 17.39 24.68 -19.84
N HIS D 165 17.10 25.68 -20.67
CA HIS D 165 17.38 27.11 -20.38
C HIS D 165 16.28 27.71 -19.49
N VAL D 166 15.14 27.05 -19.31
CA VAL D 166 13.99 27.67 -18.61
C VAL D 166 14.30 27.75 -17.11
N PRO D 167 14.29 28.94 -16.52
CA PRO D 167 14.47 29.11 -15.09
C PRO D 167 13.24 28.65 -14.28
N ASN D 168 13.47 28.35 -13.01
CA ASN D 168 12.43 27.88 -12.06
C ASN D 168 11.29 28.91 -11.97
N GLU D 169 11.57 30.23 -12.04
CA GLU D 169 10.46 31.22 -11.90
C GLU D 169 9.43 31.02 -13.03
N HIS D 170 9.81 30.50 -14.21
CA HIS D 170 8.86 30.32 -15.35
C HIS D 170 8.00 29.09 -15.09
N VAL D 171 8.56 28.06 -14.46
CA VAL D 171 7.81 26.86 -13.99
C VAL D 171 6.80 27.31 -12.92
N GLU D 172 7.21 28.16 -11.97
CA GLU D 172 6.32 28.69 -10.91
C GLU D 172 5.23 29.55 -11.55
N GLU D 173 5.55 30.30 -12.62
CA GLU D 173 4.54 31.08 -13.37
C GLU D 173 3.51 30.12 -13.98
N LEU D 174 3.97 29.05 -14.60
CA LEU D 174 3.05 28.09 -15.28
C LEU D 174 2.16 27.43 -14.21
N LYS D 175 2.74 27.07 -13.06
CA LYS D 175 1.99 26.51 -11.91
C LYS D 175 0.89 27.50 -11.50
N ASP D 176 1.16 28.80 -11.60
CA ASP D 176 0.21 29.86 -11.20
C ASP D 176 -0.89 29.98 -12.26
N TRP D 177 -0.51 29.91 -13.55
CA TRP D 177 -1.48 29.87 -14.67
C TRP D 177 -2.49 28.73 -14.43
N LEU D 178 -2.01 27.60 -13.92
CA LEU D 178 -2.75 26.31 -13.85
C LEU D 178 -3.16 25.98 -12.40
N LYS D 179 -3.15 26.95 -11.47
CA LYS D 179 -3.50 26.65 -10.05
C LYS D 179 -4.96 26.18 -9.96
N GLY D 180 -5.82 26.63 -10.87
CA GLY D 180 -7.23 26.20 -10.95
C GLY D 180 -7.37 24.68 -11.13
N THR D 181 -6.33 23.98 -11.58
CA THR D 181 -6.40 22.51 -11.82
C THR D 181 -6.54 21.75 -10.50
N GLY D 182 -5.98 22.29 -9.42
CA GLY D 182 -5.84 21.60 -8.13
C GLY D 182 -4.90 20.40 -8.20
N SER D 183 -3.98 20.39 -9.16
CA SER D 183 -3.03 19.29 -9.42
C SER D 183 -1.77 19.46 -8.57
N HIS D 184 -1.07 18.36 -8.31
CA HIS D 184 0.26 18.32 -7.65
C HIS D 184 1.32 18.30 -8.76
N PHE D 185 1.99 19.42 -8.97
CA PHE D 185 2.95 19.61 -10.08
C PHE D 185 4.30 19.05 -9.67
N LEU D 186 4.94 18.36 -10.59
CA LEU D 186 6.23 17.69 -10.35
C LEU D 186 7.08 17.86 -11.60
N VAL D 187 8.26 18.43 -11.43
CA VAL D 187 9.28 18.59 -12.48
C VAL D 187 10.09 17.30 -12.55
N LEU D 188 10.10 16.70 -13.74
CA LEU D 188 10.84 15.46 -14.06
C LEU D 188 11.63 15.72 -15.33
N ASN D 189 12.68 14.95 -15.53
CA ASN D 189 13.30 14.92 -16.86
C ASN D 189 12.45 13.99 -17.73
N THR D 190 12.70 14.07 -19.02
CA THR D 190 11.91 13.48 -20.11
C THR D 190 12.11 11.96 -20.02
N GLU D 191 13.30 11.48 -19.67
CA GLU D 191 13.61 10.04 -19.65
C GLU D 191 12.86 9.39 -18.47
N GLU D 192 12.93 10.00 -17.28
CA GLU D 192 12.16 9.55 -16.09
C GLU D 192 10.67 9.50 -16.49
N HIS D 193 10.14 10.59 -17.05
CA HIS D 193 8.70 10.68 -17.36
C HIS D 193 8.29 9.54 -18.28
N ASP D 194 8.93 9.37 -19.43
CA ASP D 194 8.51 8.38 -20.46
C ASP D 194 8.70 6.95 -19.94
N TYR D 195 9.65 6.73 -19.03
CA TYR D 195 9.90 5.39 -18.44
C TYR D 195 8.73 5.03 -17.53
N VAL D 196 8.42 5.88 -16.55
CA VAL D 196 7.37 5.58 -15.53
C VAL D 196 6.00 5.56 -16.23
N THR D 197 5.69 6.51 -17.11
CA THR D 197 4.36 6.52 -17.77
C THR D 197 4.27 5.35 -18.76
N GLY D 198 5.40 4.87 -19.29
CA GLY D 198 5.41 3.70 -20.18
C GLY D 198 4.87 2.46 -19.48
N ILE D 199 5.33 2.29 -18.22
CA ILE D 199 4.99 1.15 -17.33
C ILE D 199 3.57 1.26 -16.77
N VAL D 200 3.18 2.42 -16.27
CA VAL D 200 1.96 2.62 -15.45
C VAL D 200 0.76 2.95 -16.36
N SER D 201 0.99 3.49 -17.54
CA SER D 201 -0.10 4.04 -18.37
C SER D 201 -0.09 3.44 -19.77
N HIS D 202 1.04 3.48 -20.47
CA HIS D 202 1.07 3.18 -21.91
C HIS D 202 0.87 1.68 -22.10
N PHE D 203 1.63 0.87 -21.40
CA PHE D 203 1.63 -0.59 -21.56
C PHE D 203 0.27 -1.16 -21.16
N PRO D 204 -0.32 -0.77 -20.02
CA PRO D 204 -1.70 -1.17 -19.71
C PRO D 204 -2.76 -0.85 -20.77
N HIS D 205 -2.64 0.26 -21.49
CA HIS D 205 -3.58 0.60 -22.59
C HIS D 205 -3.41 -0.44 -23.70
N LEU D 206 -2.19 -0.89 -23.97
CA LEU D 206 -1.94 -1.90 -25.03
C LEU D 206 -2.62 -3.21 -24.64
N ILE D 207 -2.52 -3.59 -23.36
CA ILE D 207 -3.03 -4.89 -22.86
C ILE D 207 -4.57 -4.82 -22.89
N ALA D 208 -5.15 -3.70 -22.49
CA ALA D 208 -6.62 -3.53 -22.47
C ALA D 208 -7.18 -3.72 -23.87
N ALA D 209 -6.56 -3.12 -24.87
CA ALA D 209 -6.98 -3.25 -26.28
C ALA D 209 -6.86 -4.72 -26.71
N GLY D 210 -5.77 -5.39 -26.32
CA GLY D 210 -5.52 -6.82 -26.63
C GLY D 210 -6.57 -7.71 -26.01
N LEU D 211 -6.97 -7.39 -24.79
CA LEU D 211 -7.96 -8.16 -24.02
C LEU D 211 -9.31 -8.03 -24.74
N VAL D 212 -9.65 -6.82 -25.19
CA VAL D 212 -10.90 -6.57 -25.97
C VAL D 212 -10.85 -7.37 -27.27
N LYS D 213 -9.70 -7.44 -27.92
CA LYS D 213 -9.56 -8.12 -29.24
C LYS D 213 -9.74 -9.62 -29.06
N GLN D 214 -9.23 -10.19 -27.97
CA GLN D 214 -9.25 -11.66 -27.74
C GLN D 214 -10.70 -12.07 -27.50
N VAL D 215 -11.44 -11.28 -26.72
CA VAL D 215 -12.87 -11.55 -26.42
C VAL D 215 -13.70 -11.40 -27.68
N GLU D 216 -13.42 -10.39 -28.52
CA GLU D 216 -14.18 -10.15 -29.78
C GLU D 216 -14.07 -11.37 -30.68
N LYS D 217 -12.89 -11.99 -30.74
CA LYS D 217 -12.58 -13.18 -31.58
C LYS D 217 -13.62 -14.28 -31.27
N HIS D 218 -13.99 -14.43 -30.01
CA HIS D 218 -14.94 -15.49 -29.55
C HIS D 218 -16.38 -15.01 -29.65
N ALA D 219 -16.63 -13.71 -29.44
CA ALA D 219 -17.98 -13.11 -29.43
C ALA D 219 -18.64 -13.35 -30.78
N GLY D 220 -17.89 -13.31 -31.90
CA GLY D 220 -18.47 -13.55 -33.24
C GLY D 220 -19.25 -14.85 -33.27
N ASP D 221 -18.73 -15.88 -32.61
CA ASP D 221 -19.22 -17.29 -32.73
C ASP D 221 -20.21 -17.61 -31.61
N ASN D 222 -20.20 -16.89 -30.47
CA ASN D 222 -21.19 -17.07 -29.38
C ASN D 222 -21.73 -15.74 -28.88
N PRO D 223 -22.97 -15.36 -29.27
CA PRO D 223 -23.53 -14.05 -28.90
C PRO D 223 -23.79 -13.85 -27.39
N LEU D 224 -23.83 -14.93 -26.61
CA LEU D 224 -23.91 -14.85 -25.12
C LEU D 224 -22.74 -14.04 -24.57
N ILE D 225 -21.55 -14.18 -25.16
CA ILE D 225 -20.31 -13.48 -24.70
C ILE D 225 -20.56 -11.97 -24.73
N HIS D 226 -21.12 -11.48 -25.83
CA HIS D 226 -21.46 -10.04 -26.03
C HIS D 226 -22.41 -9.60 -24.90
N GLN D 227 -23.41 -10.43 -24.59
CA GLN D 227 -24.51 -10.10 -23.67
C GLN D 227 -23.97 -10.10 -22.23
N LEU D 228 -23.19 -11.10 -21.85
CA LEU D 228 -22.88 -11.39 -20.42
C LEU D 228 -21.64 -10.62 -19.97
N ALA D 229 -20.85 -10.02 -20.87
CA ALA D 229 -19.70 -9.16 -20.47
C ALA D 229 -20.17 -8.20 -19.37
N ALA D 230 -19.48 -8.20 -18.22
CA ALA D 230 -19.88 -7.47 -16.98
C ALA D 230 -18.68 -6.72 -16.40
N GLY D 231 -18.78 -6.37 -15.12
CA GLY D 231 -17.78 -5.59 -14.37
C GLY D 231 -16.35 -6.03 -14.62
N GLY D 232 -16.04 -7.32 -14.42
CA GLY D 232 -14.70 -7.90 -14.58
C GLY D 232 -14.09 -7.52 -15.92
N PHE D 233 -14.85 -7.74 -16.99
CA PHE D 233 -14.45 -7.39 -18.37
C PHE D 233 -14.48 -5.87 -18.61
N LYS D 234 -15.61 -5.23 -18.31
CA LYS D 234 -15.93 -3.82 -18.70
C LYS D 234 -14.94 -2.85 -18.02
N ASP D 235 -14.62 -3.04 -16.74
CA ASP D 235 -13.82 -2.06 -15.93
C ASP D 235 -12.39 -2.01 -16.48
N ILE D 236 -11.76 -3.17 -16.71
CA ILE D 236 -10.32 -3.23 -17.13
C ILE D 236 -10.18 -2.79 -18.60
N THR D 237 -11.25 -2.83 -19.41
CA THR D 237 -11.21 -2.52 -20.87
C THR D 237 -11.81 -1.14 -21.19
N ARG D 238 -12.30 -0.38 -20.22
CA ARG D 238 -12.93 0.95 -20.48
C ARG D 238 -11.96 1.85 -21.27
N ILE D 239 -10.67 1.81 -20.97
CA ILE D 239 -9.62 2.67 -21.61
C ILE D 239 -9.47 2.33 -23.11
N ALA D 240 -9.92 1.16 -23.56
CA ALA D 240 -9.82 0.75 -24.98
C ALA D 240 -10.77 1.57 -25.84
N SER D 241 -11.68 2.33 -25.23
CA SER D 241 -12.60 3.27 -25.93
C SER D 241 -11.90 4.62 -26.17
N SER D 242 -10.65 4.79 -25.74
CA SER D 242 -9.86 6.04 -25.90
C SER D 242 -9.57 6.27 -27.39
N SER D 243 -9.31 7.52 -27.75
CA SER D 243 -8.91 7.98 -29.11
C SER D 243 -7.81 7.07 -29.64
N PRO D 244 -8.05 6.30 -30.72
CA PRO D 244 -6.98 5.54 -31.38
C PRO D 244 -5.85 6.42 -31.93
N LYS D 245 -6.17 7.58 -32.51
CA LYS D 245 -5.18 8.59 -32.96
C LYS D 245 -4.24 8.93 -31.81
N MET D 246 -4.80 9.30 -30.66
CA MET D 246 -4.01 9.71 -29.47
C MET D 246 -3.04 8.60 -29.10
N TRP D 247 -3.52 7.36 -29.09
CA TRP D 247 -2.75 6.22 -28.55
C TRP D 247 -1.77 5.69 -29.60
N SER D 248 -2.11 5.73 -30.88
CA SER D 248 -1.13 5.45 -31.95
C SER D 248 0.06 6.41 -31.77
N ASP D 249 -0.22 7.69 -31.53
CA ASP D 249 0.84 8.73 -31.38
C ASP D 249 1.71 8.37 -30.18
N ILE D 250 1.10 7.96 -29.06
CA ILE D 250 1.83 7.66 -27.80
C ILE D 250 2.75 6.46 -28.04
N VAL D 251 2.23 5.40 -28.65
CA VAL D 251 3.01 4.16 -28.93
C VAL D 251 4.21 4.52 -29.81
N LYS D 252 4.01 5.33 -30.84
CA LYS D 252 5.09 5.77 -31.76
C LYS D 252 6.18 6.46 -30.94
N GLN D 253 5.80 7.31 -29.99
CA GLN D 253 6.74 8.16 -29.21
C GLN D 253 7.31 7.40 -28.01
N ASN D 254 6.82 6.21 -27.66
CA ASN D 254 7.42 5.42 -26.56
C ASN D 254 7.65 3.98 -27.03
N ARG D 255 7.80 3.79 -28.34
CA ARG D 255 7.87 2.48 -29.01
C ARG D 255 8.92 1.57 -28.39
N GLU D 256 10.13 2.10 -28.13
CA GLU D 256 11.28 1.24 -27.74
C GLU D 256 11.01 0.65 -26.34
N HIS D 257 10.53 1.47 -25.39
CA HIS D 257 10.14 1.02 -24.03
C HIS D 257 9.03 -0.02 -24.15
N LEU D 258 8.00 0.25 -24.96
CA LEU D 258 6.81 -0.62 -25.03
C LEU D 258 7.19 -1.98 -25.60
N MET D 259 8.06 -1.99 -26.61
CA MET D 259 8.59 -3.25 -27.19
C MET D 259 9.30 -4.07 -26.11
N VAL D 260 10.12 -3.45 -25.27
CA VAL D 260 10.85 -4.19 -24.19
C VAL D 260 9.83 -4.71 -23.17
N LEU D 261 8.80 -3.92 -22.81
CA LEU D 261 7.77 -4.36 -21.84
C LEU D 261 6.93 -5.52 -22.42
N LEU D 262 6.61 -5.48 -23.73
CA LEU D 262 5.82 -6.55 -24.38
C LEU D 262 6.58 -7.88 -24.37
N LYS D 263 7.89 -7.88 -24.61
CA LYS D 263 8.71 -9.11 -24.54
C LYS D 263 8.70 -9.64 -23.10
N GLU D 264 8.84 -8.77 -22.09
CA GLU D 264 8.74 -9.20 -20.68
C GLU D 264 7.36 -9.85 -20.47
N TRP D 265 6.33 -9.16 -20.92
CA TRP D 265 4.91 -9.58 -20.75
C TRP D 265 4.70 -10.98 -21.33
N ILE D 266 5.13 -11.20 -22.56
CA ILE D 266 4.97 -12.53 -23.24
C ILE D 266 5.64 -13.59 -22.35
N SER D 267 6.81 -13.28 -21.79
CA SER D 267 7.54 -14.24 -20.92
C SER D 267 6.75 -14.46 -19.62
N GLU D 268 6.14 -13.41 -19.07
CA GLU D 268 5.26 -13.47 -17.88
C GLU D 268 4.05 -14.38 -18.17
N MET D 269 3.44 -14.23 -19.34
CA MET D 269 2.28 -15.05 -19.78
C MET D 269 2.70 -16.51 -19.98
N GLU D 270 3.89 -16.78 -20.50
CA GLU D 270 4.40 -18.17 -20.61
C GLU D 270 4.53 -18.80 -19.21
N ASP D 271 5.00 -18.03 -18.23
CA ASP D 271 5.14 -18.50 -16.82
C ASP D 271 3.75 -18.72 -16.19
N LEU D 272 2.79 -17.83 -16.45
CA LEU D 272 1.41 -17.95 -15.92
C LEU D 272 0.76 -19.21 -16.50
N TYR D 273 0.94 -19.46 -17.80
CA TYR D 273 0.46 -20.70 -18.47
C TYR D 273 1.02 -21.92 -17.71
N ASP D 274 2.31 -21.96 -17.38
CA ASP D 274 2.93 -23.11 -16.67
C ASP D 274 2.27 -23.26 -15.30
N THR D 275 2.03 -22.15 -14.61
CA THR D 275 1.35 -22.16 -13.29
C THR D 275 -0.07 -22.73 -13.43
N VAL D 276 -0.84 -22.25 -14.38
CA VAL D 276 -2.25 -22.69 -14.55
C VAL D 276 -2.26 -24.16 -14.98
N SER D 277 -1.39 -24.55 -15.91
CA SER D 277 -1.20 -25.95 -16.36
C SER D 277 -0.90 -26.89 -15.19
N SER D 278 -0.07 -26.45 -14.24
CA SER D 278 0.40 -27.30 -13.11
C SER D 278 -0.82 -27.75 -12.29
N GLY D 279 -1.87 -26.94 -12.26
CA GLY D 279 -3.06 -27.16 -11.43
C GLY D 279 -2.78 -27.06 -9.93
N ASP D 280 -1.62 -26.52 -9.52
CA ASP D 280 -1.24 -26.39 -8.09
C ASP D 280 -2.04 -25.23 -7.49
N ALA D 281 -3.03 -25.54 -6.65
CA ALA D 281 -3.96 -24.58 -5.99
C ALA D 281 -3.16 -23.52 -5.21
N GLY D 282 -2.10 -23.93 -4.50
CA GLY D 282 -1.20 -23.06 -3.74
C GLY D 282 -0.45 -22.06 -4.61
N GLU D 283 0.17 -22.51 -5.70
CA GLU D 283 0.95 -21.65 -6.63
C GLU D 283 -0.02 -20.67 -7.31
N ILE D 284 -1.20 -21.15 -7.70
CA ILE D 284 -2.24 -20.29 -8.34
C ILE D 284 -2.71 -19.28 -7.30
N GLN D 285 -2.94 -19.71 -6.05
CA GLN D 285 -3.35 -18.76 -4.98
C GLN D 285 -2.25 -17.72 -4.72
N ASN D 286 -0.98 -18.13 -4.69
CA ASN D 286 0.18 -17.20 -4.49
C ASN D 286 0.18 -16.12 -5.57
N TYR D 287 -0.11 -16.50 -6.82
CA TYR D 287 -0.11 -15.56 -7.98
C TYR D 287 -1.10 -14.45 -7.70
N PHE D 288 -2.32 -14.81 -7.27
CA PHE D 288 -3.41 -13.83 -7.02
C PHE D 288 -3.12 -13.01 -5.76
N ALA D 289 -2.54 -13.65 -4.74
CA ALA D 289 -2.21 -13.06 -3.43
C ALA D 289 -1.13 -11.98 -3.63
N ASP D 290 -0.11 -12.27 -4.44
CA ASP D 290 1.00 -11.34 -4.75
C ASP D 290 0.41 -10.11 -5.47
N ALA D 291 -0.43 -10.33 -6.48
CA ALA D 291 -1.12 -9.23 -7.19
C ALA D 291 -1.94 -8.40 -6.20
N LYS D 292 -2.69 -9.07 -5.33
CA LYS D 292 -3.62 -8.38 -4.39
C LYS D 292 -2.78 -7.58 -3.37
N GLU D 293 -1.68 -8.14 -2.88
CA GLU D 293 -0.80 -7.47 -1.88
C GLU D 293 -0.27 -6.18 -2.52
N TYR D 294 0.24 -6.22 -3.76
CA TYR D 294 0.79 -5.01 -4.39
C TYR D 294 -0.35 -4.01 -4.64
N ARG D 295 -1.44 -4.45 -5.26
CA ARG D 295 -2.52 -3.49 -5.62
C ARG D 295 -3.07 -2.82 -4.34
N ASP D 296 -3.18 -3.53 -3.23
CA ASP D 296 -3.74 -2.99 -1.97
C ASP D 296 -2.73 -2.04 -1.33
N SER D 297 -1.44 -2.15 -1.71
CA SER D 297 -0.32 -1.36 -1.14
C SER D 297 -0.24 0.02 -1.81
N LEU D 298 -0.91 0.21 -2.96
CA LEU D 298 -0.98 1.54 -3.61
C LEU D 298 -1.76 2.48 -2.68
N PRO D 299 -1.36 3.75 -2.58
CA PRO D 299 -2.10 4.73 -1.80
C PRO D 299 -3.50 5.02 -2.38
N VAL D 300 -4.41 5.36 -1.46
CA VAL D 300 -5.83 5.71 -1.73
C VAL D 300 -5.86 7.22 -1.91
N ARG D 301 -6.07 7.69 -3.14
CA ARG D 301 -6.24 9.12 -3.46
C ARG D 301 -7.50 9.30 -4.31
N LYS D 302 -8.43 10.12 -3.82
CA LYS D 302 -9.66 10.58 -4.53
C LYS D 302 -9.28 11.64 -5.57
N ARG D 303 -9.48 11.35 -6.87
CA ARG D 303 -9.12 12.25 -8.01
C ARG D 303 -10.38 12.66 -8.78
#